data_3EE3
#
_entry.id   3EE3
#
_cell.length_a   82.419
_cell.length_b   154.419
_cell.length_c   187.039
_cell.angle_alpha   90.00
_cell.angle_beta   90.00
_cell.angle_gamma   90.00
#
_symmetry.space_group_name_H-M   'C 2 2 21'
#
loop_
_entity.id
_entity.type
_entity.pdbx_description
1 polymer 'Nucleoside diphosphate kinase'
2 non-polymer "CYTIDINE-5'-DIPHOSPHATE"
3 non-polymer 'MAGNESIUM ION'
4 water water
#
_entity_poly.entity_id   1
_entity_poly.type   'polypeptide(L)'
_entity_poly.pdbx_seq_one_letter_code
;YKKAGLQRTLVLIKPDAFERSLVAEIMGRIEKKNFKIVSMKFWSKAPRNLIEQHYKEHSEQSYFNDNCDFMVSGPIISIV
YEGTDAISKIRRLQGNILTPGTIRGDLANDIRENLIHASDSEDSAVDEISIWFPETKMETDN
;
_entity_poly.pdbx_strand_id   A,B,C,D,E,F
#
loop_
_chem_comp.id
_chem_comp.type
_chem_comp.name
_chem_comp.formula
CDP non-polymer CYTIDINE-5'-DIPHOSPHATE 'C9 H15 N3 O11 P2'
MG non-polymer 'MAGNESIUM ION' 'Mg 2'
#
# COMPACT_ATOMS: atom_id res chain seq x y z
N GLY A 5 24.51 25.75 5.53
CA GLY A 5 24.35 26.75 4.40
C GLY A 5 25.13 28.06 4.50
N LEU A 6 25.81 28.29 5.64
CA LEU A 6 26.57 29.52 5.92
C LEU A 6 27.65 29.84 4.90
N GLN A 7 27.73 31.13 4.55
CA GLN A 7 28.53 31.62 3.44
C GLN A 7 28.81 33.07 3.66
N ARG A 8 29.90 33.55 3.06
CA ARG A 8 30.29 34.94 3.11
C ARG A 8 30.46 35.50 1.69
N THR A 9 30.11 36.76 1.53
CA THR A 9 30.19 37.39 0.21
C THR A 9 30.71 38.85 0.28
N LEU A 10 31.21 39.35 -0.85
CA LEU A 10 31.76 40.69 -0.91
C LEU A 10 30.87 41.68 -1.70
N VAL A 11 30.48 42.77 -1.03
CA VAL A 11 29.65 43.82 -1.64
C VAL A 11 30.43 45.12 -1.72
N LEU A 12 30.38 45.77 -2.87
CA LEU A 12 30.79 47.18 -2.96
C LEU A 12 29.59 48.18 -3.11
N ILE A 13 29.56 49.21 -2.27
CA ILE A 13 28.68 50.36 -2.49
C ILE A 13 29.48 51.36 -3.32
N LYS A 14 28.96 51.65 -4.52
CA LYS A 14 29.66 52.48 -5.53
C LYS A 14 29.46 54.02 -5.36
N PRO A 15 30.35 54.85 -5.98
CA PRO A 15 30.32 56.33 -5.83
C PRO A 15 28.99 57.01 -6.12
N ASP A 16 28.22 56.47 -7.07
CA ASP A 16 26.88 56.99 -7.38
C ASP A 16 25.89 56.90 -6.18
N ALA A 17 26.11 55.93 -5.29
CA ALA A 17 25.26 55.79 -4.09
C ALA A 17 25.46 56.96 -3.13
N PHE A 18 26.71 57.43 -3.04
CA PHE A 18 27.06 58.61 -2.23
C PHE A 18 26.58 59.90 -2.87
N GLU A 19 26.80 60.02 -4.17
CA GLU A 19 26.31 61.14 -4.92
C GLU A 19 24.76 61.29 -4.72
N ARG A 20 24.04 60.18 -4.82
CA ARG A 20 22.57 60.20 -4.83
C ARG A 20 21.97 60.00 -3.43
N SER A 21 22.81 59.91 -2.41
CA SER A 21 22.31 59.73 -1.05
C SER A 21 21.46 58.44 -0.82
N LEU A 22 21.95 57.32 -1.38
CA LEU A 22 21.25 56.03 -1.34
C LEU A 22 21.98 54.91 -0.57
N VAL A 23 22.96 55.27 0.26
CA VAL A 23 23.81 54.28 0.94
C VAL A 23 23.04 53.43 1.98
N ALA A 24 22.32 54.12 2.87
CA ALA A 24 21.49 53.41 3.84
C ALA A 24 20.33 52.62 3.18
N GLU A 25 19.78 53.13 2.09
CA GLU A 25 18.72 52.44 1.41
C GLU A 25 19.18 51.05 0.92
N ILE A 26 20.40 50.99 0.37
CA ILE A 26 20.97 49.74 -0.18
C ILE A 26 21.30 48.73 0.95
N MET A 27 22.05 49.20 1.93
CA MET A 27 22.39 48.45 3.13
C MET A 27 21.18 47.90 3.90
N GLY A 28 20.08 48.66 3.90
CA GLY A 28 18.85 48.33 4.60
C GLY A 28 18.10 47.19 3.95
N ARG A 29 18.11 47.15 2.61
CA ARG A 29 17.57 46.03 1.90
C ARG A 29 18.27 44.68 2.22
N ILE A 30 19.58 44.69 2.34
CA ILE A 30 20.37 43.52 2.78
C ILE A 30 20.15 43.16 4.26
N GLU A 31 20.08 44.18 5.11
CA GLU A 31 19.76 44.00 6.53
C GLU A 31 18.39 43.31 6.75
N LYS A 32 17.39 43.74 5.98
CA LYS A 32 16.03 43.26 6.08
C LYS A 32 15.87 41.76 5.72
N LYS A 33 16.76 41.24 4.89
CA LYS A 33 16.69 39.83 4.49
C LYS A 33 17.50 38.95 5.43
N ASN A 34 17.92 39.55 6.55
CA ASN A 34 18.59 38.86 7.65
C ASN A 34 20.07 38.51 7.42
N PHE A 35 20.77 39.29 6.60
CA PHE A 35 22.22 39.12 6.45
C PHE A 35 23.00 40.03 7.39
N LYS A 36 24.09 39.51 7.94
CA LYS A 36 24.87 40.25 8.95
C LYS A 36 26.22 40.75 8.44
N ILE A 37 26.60 41.96 8.85
CA ILE A 37 27.95 42.49 8.57
C ILE A 37 29.05 41.76 9.37
N VAL A 38 30.10 41.33 8.66
CA VAL A 38 31.23 40.58 9.25
C VAL A 38 32.48 41.49 9.28
N SER A 39 32.67 42.22 8.19
CA SER A 39 33.59 43.37 8.19
C SER A 39 33.16 44.40 7.15
N MET A 40 33.72 45.62 7.24
CA MET A 40 33.31 46.77 6.45
C MET A 40 34.42 47.83 6.50
N LYS A 41 34.65 48.50 5.37
CA LYS A 41 35.64 49.58 5.25
C LYS A 41 35.09 50.72 4.42
N PHE A 42 35.32 51.93 4.88
CA PHE A 42 35.05 53.13 4.12
C PHE A 42 36.33 53.63 3.40
N TRP A 43 36.20 53.90 2.11
CA TRP A 43 37.27 54.47 1.30
C TRP A 43 36.79 55.79 0.70
N SER A 44 37.43 56.90 1.08
CA SER A 44 37.11 58.22 0.50
C SER A 44 37.45 58.28 -0.97
N LYS A 45 38.55 57.62 -1.32
CA LYS A 45 38.95 57.38 -2.70
C LYS A 45 39.77 56.09 -2.70
N ALA A 46 39.34 55.12 -3.50
CA ALA A 46 40.01 53.83 -3.54
C ALA A 46 41.30 53.91 -4.40
N PRO A 47 42.36 53.17 -3.99
CA PRO A 47 43.53 53.06 -4.88
C PRO A 47 43.15 52.36 -6.19
N ARG A 48 43.46 52.99 -7.32
CA ARG A 48 43.16 52.41 -8.62
C ARG A 48 43.69 50.99 -8.76
N ASN A 49 44.80 50.72 -8.10
CA ASN A 49 45.32 49.38 -8.05
C ASN A 49 44.22 48.36 -7.66
N LEU A 50 43.57 48.60 -6.53
CA LEU A 50 42.54 47.69 -6.00
C LEU A 50 41.36 47.51 -6.97
N ILE A 51 40.95 48.58 -7.63
CA ILE A 51 39.84 48.54 -8.58
C ILE A 51 40.19 47.66 -9.78
N GLU A 52 41.42 47.82 -10.28
CA GLU A 52 41.91 47.10 -11.45
C GLU A 52 41.98 45.59 -11.15
N GLN A 53 42.49 45.27 -9.96
CA GLN A 53 42.43 43.91 -9.42
C GLN A 53 41.00 43.38 -9.31
N HIS A 54 40.12 44.15 -8.65
CA HIS A 54 38.71 43.76 -8.43
C HIS A 54 38.04 43.42 -9.77
N TYR A 55 38.40 44.18 -10.81
CA TYR A 55 37.83 43.98 -12.15
C TYR A 55 38.81 43.38 -13.19
N LYS A 56 39.82 42.64 -12.73
CA LYS A 56 40.85 42.02 -13.61
C LYS A 56 40.26 41.17 -14.76
N GLU A 57 39.25 40.37 -14.45
CA GLU A 57 38.58 39.56 -15.47
C GLU A 57 38.02 40.44 -16.59
N HIS A 58 38.01 41.76 -16.39
CA HIS A 58 37.40 42.68 -17.35
C HIS A 58 38.40 43.52 -18.17
N SER A 59 39.70 43.28 -17.98
CA SER A 59 40.78 44.20 -18.43
C SER A 59 40.92 44.41 -19.95
N GLU A 60 40.37 43.48 -20.74
CA GLU A 60 40.40 43.61 -22.19
C GLU A 60 39.15 44.25 -22.86
N GLN A 61 38.27 44.83 -22.06
CA GLN A 61 36.98 45.34 -22.58
C GLN A 61 37.01 46.84 -22.91
N SER A 62 36.23 47.23 -23.91
CA SER A 62 36.10 48.65 -24.26
C SER A 62 35.90 49.55 -23.03
N TYR A 63 35.01 49.11 -22.14
CA TYR A 63 34.55 49.92 -20.98
C TYR A 63 35.48 49.92 -19.77
N PHE A 64 36.50 49.07 -19.77
CA PHE A 64 37.38 48.86 -18.62
C PHE A 64 37.90 50.12 -17.95
N ASN A 65 38.51 51.03 -18.71
CA ASN A 65 39.14 52.21 -18.12
C ASN A 65 38.16 53.29 -17.69
N ASP A 66 37.13 53.55 -18.49
CA ASP A 66 36.01 54.40 -18.06
C ASP A 66 35.34 53.92 -16.75
N ASN A 67 35.21 52.61 -16.56
CA ASN A 67 34.59 52.10 -15.34
C ASN A 67 35.50 52.29 -14.13
N CYS A 68 36.80 52.06 -14.35
CA CYS A 68 37.83 52.37 -13.35
C CYS A 68 37.86 53.85 -13.02
N ASP A 69 37.71 54.71 -14.02
CA ASP A 69 37.67 56.17 -13.80
C ASP A 69 36.56 56.59 -12.84
N PHE A 70 35.37 56.03 -13.06
CA PHE A 70 34.17 56.21 -12.24
C PHE A 70 34.36 55.64 -10.82
N MET A 71 34.91 54.43 -10.71
CA MET A 71 35.10 53.82 -9.38
C MET A 71 36.03 54.60 -8.46
N VAL A 72 36.81 55.53 -9.02
CA VAL A 72 37.71 56.36 -8.21
C VAL A 72 37.22 57.81 -8.08
N SER A 73 36.07 58.11 -8.68
CA SER A 73 35.53 59.49 -8.69
C SER A 73 34.85 59.94 -7.39
N GLY A 74 34.77 59.06 -6.39
CA GLY A 74 34.19 59.43 -5.09
C GLY A 74 34.26 58.21 -4.18
N PRO A 75 33.66 58.28 -2.97
CA PRO A 75 33.84 57.20 -1.97
C PRO A 75 33.29 55.83 -2.38
N ILE A 76 33.77 54.79 -1.71
CA ILE A 76 33.14 53.47 -1.80
C ILE A 76 33.19 52.79 -0.43
N ILE A 77 32.23 51.90 -0.20
CA ILE A 77 32.22 51.06 1.00
C ILE A 77 32.36 49.60 0.55
N SER A 78 33.28 48.88 1.17
CA SER A 78 33.40 47.44 0.93
C SER A 78 32.91 46.71 2.17
N ILE A 79 32.08 45.69 1.97
CA ILE A 79 31.46 44.97 3.09
C ILE A 79 31.53 43.47 2.85
N VAL A 80 31.84 42.72 3.91
CA VAL A 80 31.65 41.27 3.92
C VAL A 80 30.37 40.95 4.67
N TYR A 81 29.46 40.27 4.00
CA TYR A 81 28.21 39.83 4.63
C TYR A 81 28.20 38.33 4.84
N GLU A 82 27.40 37.88 5.81
CA GLU A 82 27.31 36.45 6.11
C GLU A 82 25.86 36.00 6.40
N GLY A 83 25.49 34.81 5.93
CA GLY A 83 24.15 34.23 6.14
C GLY A 83 23.97 32.98 5.30
N THR A 84 22.85 32.28 5.50
CA THR A 84 22.52 31.08 4.71
C THR A 84 22.50 31.49 3.24
N ASP A 85 23.34 30.85 2.42
CA ASP A 85 23.23 31.03 0.97
C ASP A 85 23.46 32.50 0.53
N ALA A 86 24.30 33.21 1.27
CA ALA A 86 24.59 34.64 1.07
C ALA A 86 25.00 35.07 -0.35
N ILE A 87 25.81 34.26 -1.04
CA ILE A 87 26.31 34.70 -2.34
C ILE A 87 25.18 34.85 -3.36
N SER A 88 24.38 33.80 -3.49
CA SER A 88 23.33 33.78 -4.49
C SER A 88 22.20 34.75 -4.09
N LYS A 89 21.82 34.70 -2.81
CA LYS A 89 20.73 35.55 -2.33
C LYS A 89 21.01 37.06 -2.44
N ILE A 90 22.20 37.49 -2.02
CA ILE A 90 22.59 38.91 -2.16
C ILE A 90 22.75 39.33 -3.63
N ARG A 91 23.23 38.40 -4.46
CA ARG A 91 23.34 38.66 -5.91
C ARG A 91 21.96 38.88 -6.54
N ARG A 92 20.96 38.09 -6.13
CA ARG A 92 19.56 38.26 -6.53
C ARG A 92 18.96 39.57 -6.01
N LEU A 93 19.31 39.95 -4.80
CA LEU A 93 18.89 41.23 -4.25
C LEU A 93 19.40 42.39 -5.11
N GLN A 94 20.65 42.29 -5.57
CA GLN A 94 21.30 43.29 -6.44
C GLN A 94 20.54 43.43 -7.76
N GLY A 95 20.21 42.28 -8.36
CA GLY A 95 19.46 42.23 -9.61
C GLY A 95 20.08 43.01 -10.76
N ASN A 96 19.20 43.57 -11.61
CA ASN A 96 19.62 44.35 -12.76
C ASN A 96 18.67 45.52 -12.96
N ILE A 97 19.04 46.43 -13.87
CA ILE A 97 18.26 47.64 -14.10
C ILE A 97 16.91 47.35 -14.80
N LEU A 98 16.76 46.12 -15.27
CA LEU A 98 15.53 45.75 -15.98
C LEU A 98 14.44 45.19 -15.09
N THR A 99 14.79 44.67 -13.90
CA THR A 99 13.85 43.94 -13.04
C THR A 99 13.42 44.63 -11.74
N PRO A 100 12.20 45.19 -11.71
CA PRO A 100 11.73 45.82 -10.46
C PRO A 100 11.62 44.85 -9.28
N GLY A 101 11.83 45.37 -8.08
CA GLY A 101 11.86 44.55 -6.87
C GLY A 101 13.27 44.37 -6.33
N THR A 102 14.28 44.52 -7.20
CA THR A 102 15.69 44.42 -6.80
C THR A 102 16.27 45.82 -6.60
N ILE A 103 17.45 45.87 -5.98
CA ILE A 103 18.16 47.13 -5.77
C ILE A 103 18.39 47.92 -7.06
N ARG A 104 19.08 47.32 -8.03
CA ARG A 104 19.30 47.99 -9.31
C ARG A 104 17.96 48.24 -10.05
N GLY A 105 17.04 47.28 -9.97
CA GLY A 105 15.70 47.42 -10.57
C GLY A 105 14.88 48.61 -10.09
N ASP A 106 15.00 48.96 -8.82
CA ASP A 106 14.17 50.00 -8.24
C ASP A 106 14.87 51.38 -8.36
N LEU A 107 16.22 51.34 -8.32
CA LEU A 107 17.01 52.55 -8.03
C LEU A 107 18.01 53.02 -9.11
N ALA A 108 18.41 52.13 -10.02
CA ALA A 108 19.47 52.47 -10.97
C ALA A 108 18.97 52.44 -12.43
N ASN A 109 19.63 53.22 -13.29
CA ASN A 109 19.21 53.37 -14.69
C ASN A 109 20.33 53.45 -15.73
N ASP A 110 21.49 52.86 -15.44
CA ASP A 110 22.69 53.03 -16.30
C ASP A 110 23.48 51.72 -16.41
N ILE A 111 24.23 51.51 -17.51
CA ILE A 111 25.16 50.35 -17.65
C ILE A 111 26.38 50.42 -16.74
N ARG A 112 26.78 51.62 -16.35
CA ARG A 112 28.00 51.78 -15.57
C ARG A 112 27.75 52.24 -14.12
N GLU A 113 26.93 53.27 -13.95
CA GLU A 113 26.62 53.78 -12.62
C GLU A 113 25.39 53.03 -12.12
N ASN A 114 25.66 51.93 -11.43
CA ASN A 114 24.61 51.01 -10.99
C ASN A 114 24.65 50.65 -9.50
N LEU A 115 25.21 51.58 -8.70
CA LEU A 115 25.07 51.60 -7.24
C LEU A 115 25.80 50.53 -6.44
N ILE A 116 25.80 49.30 -6.93
CA ILE A 116 26.26 48.17 -6.14
C ILE A 116 26.88 47.00 -6.93
N HIS A 117 27.92 46.40 -6.34
CA HIS A 117 28.50 45.11 -6.78
C HIS A 117 28.32 44.03 -5.72
N ALA A 118 28.00 42.81 -6.16
CA ALA A 118 28.01 41.62 -5.30
C ALA A 118 28.75 40.47 -5.99
N SER A 119 29.56 39.71 -5.25
CA SER A 119 30.25 38.53 -5.81
C SER A 119 29.20 37.59 -6.43
N ASP A 120 29.53 36.96 -7.56
CA ASP A 120 28.61 36.04 -8.25
C ASP A 120 28.93 34.54 -8.09
N SER A 121 30.05 34.20 -7.45
CA SER A 121 30.35 32.78 -7.17
C SER A 121 31.13 32.61 -5.86
N GLU A 122 31.29 31.35 -5.43
CA GLU A 122 32.22 31.01 -4.34
C GLU A 122 33.68 31.40 -4.63
N ASP A 123 34.10 31.24 -5.89
CA ASP A 123 35.43 31.65 -6.32
C ASP A 123 35.63 33.16 -6.40
N SER A 124 34.64 33.89 -6.96
CA SER A 124 34.66 35.36 -6.96
C SER A 124 34.78 35.91 -5.55
N ALA A 125 33.99 35.33 -4.64
CA ALA A 125 33.90 35.80 -3.25
C ALA A 125 35.23 35.67 -2.50
N VAL A 126 35.80 34.46 -2.51
CA VAL A 126 37.07 34.21 -1.86
C VAL A 126 38.12 35.22 -2.37
N ASP A 127 38.12 35.42 -3.68
CA ASP A 127 39.10 36.31 -4.31
C ASP A 127 38.83 37.79 -4.04
N GLU A 128 37.56 38.20 -4.05
CA GLU A 128 37.22 39.60 -3.79
C GLU A 128 37.40 39.98 -2.31
N ILE A 129 36.97 39.10 -1.40
CA ILE A 129 37.22 39.33 0.02
C ILE A 129 38.71 39.53 0.34
N SER A 130 39.57 38.80 -0.38
CA SER A 130 41.01 38.86 -0.17
C SER A 130 41.63 40.14 -0.70
N ILE A 131 41.09 40.65 -1.80
CA ILE A 131 41.48 41.96 -2.31
C ILE A 131 41.22 43.05 -1.28
N TRP A 132 40.00 43.13 -0.76
CA TRP A 132 39.58 44.27 0.09
C TRP A 132 39.89 44.04 1.56
N PHE A 133 40.00 42.79 1.96
CA PHE A 133 40.29 42.48 3.34
C PHE A 133 41.44 41.44 3.41
N PRO A 134 42.70 41.89 3.16
CA PRO A 134 43.85 40.99 3.36
C PRO A 134 43.94 40.61 4.84
N GLY B 5 -9.72 -37.91 -20.17
CA GLY B 5 -9.28 -39.32 -20.43
C GLY B 5 -10.19 -40.36 -19.80
N LEU B 6 -11.45 -40.41 -20.26
CA LEU B 6 -12.46 -41.40 -19.83
C LEU B 6 -12.12 -42.84 -20.21
N GLN B 7 -11.98 -43.71 -19.22
CA GLN B 7 -11.81 -45.14 -19.46
C GLN B 7 -13.08 -45.89 -19.04
N ARG B 8 -13.15 -47.16 -19.42
CA ARG B 8 -14.14 -48.10 -18.86
C ARG B 8 -13.43 -49.29 -18.19
N THR B 9 -14.09 -49.89 -17.21
CA THR B 9 -13.47 -50.98 -16.46
C THR B 9 -14.50 -52.01 -16.03
N LEU B 10 -14.05 -53.25 -15.84
CA LEU B 10 -14.99 -54.27 -15.40
C LEU B 10 -14.79 -54.61 -13.93
N VAL B 11 -15.90 -54.60 -13.21
CA VAL B 11 -15.91 -54.98 -11.80
C VAL B 11 -16.83 -56.19 -11.56
N LEU B 12 -16.33 -57.13 -10.76
CA LEU B 12 -17.13 -58.23 -10.24
C LEU B 12 -17.27 -58.14 -8.71
N ILE B 13 -18.51 -58.26 -8.26
CA ILE B 13 -18.84 -58.36 -6.83
C ILE B 13 -19.01 -59.85 -6.52
N LYS B 14 -18.14 -60.37 -5.66
CA LYS B 14 -17.98 -61.84 -5.51
C LYS B 14 -18.97 -62.45 -4.50
N PRO B 15 -19.14 -63.79 -4.52
CA PRO B 15 -20.19 -64.37 -3.65
C PRO B 15 -20.03 -64.09 -2.12
N ASP B 16 -18.82 -63.83 -1.66
CA ASP B 16 -18.63 -63.52 -0.22
C ASP B 16 -19.26 -62.17 0.18
N ALA B 17 -19.37 -61.25 -0.77
CA ALA B 17 -20.04 -59.97 -0.52
C ALA B 17 -21.50 -60.18 -0.21
N PHE B 18 -22.11 -61.18 -0.84
CA PHE B 18 -23.53 -61.44 -0.65
C PHE B 18 -23.77 -62.12 0.68
N GLU B 19 -22.90 -63.10 0.97
CA GLU B 19 -22.95 -63.87 2.17
C GLU B 19 -22.81 -62.94 3.40
N ARG B 20 -21.87 -61.99 3.29
CA ARG B 20 -21.60 -61.04 4.36
C ARG B 20 -22.44 -59.74 4.30
N SER B 21 -23.28 -59.56 3.28
CA SER B 21 -24.06 -58.30 3.10
C SER B 21 -23.22 -57.04 2.97
N LEU B 22 -22.19 -57.10 2.14
CA LEU B 22 -21.31 -55.98 1.89
C LEU B 22 -21.41 -55.43 0.46
N VAL B 23 -22.42 -55.87 -0.30
CA VAL B 23 -22.64 -55.42 -1.71
C VAL B 23 -22.74 -53.88 -1.91
N ALA B 24 -23.65 -53.25 -1.17
CA ALA B 24 -23.87 -51.78 -1.21
C ALA B 24 -22.67 -51.01 -0.65
N GLU B 25 -22.12 -51.50 0.45
CA GLU B 25 -20.86 -50.99 0.98
C GLU B 25 -19.81 -50.83 -0.12
N ILE B 26 -19.63 -51.88 -0.92
CA ILE B 26 -18.58 -51.92 -1.96
C ILE B 26 -18.91 -50.97 -3.14
N MET B 27 -20.11 -51.12 -3.69
CA MET B 27 -20.58 -50.26 -4.77
C MET B 27 -20.58 -48.79 -4.34
N GLY B 28 -20.97 -48.53 -3.11
CA GLY B 28 -20.93 -47.19 -2.53
C GLY B 28 -19.57 -46.52 -2.48
N ARG B 29 -18.48 -47.28 -2.32
CA ARG B 29 -17.14 -46.68 -2.32
C ARG B 29 -16.68 -46.26 -3.73
N ILE B 30 -17.19 -46.96 -4.74
CA ILE B 30 -16.88 -46.62 -6.12
C ILE B 30 -17.71 -45.39 -6.54
N GLU B 31 -18.99 -45.40 -6.19
CA GLU B 31 -19.94 -44.31 -6.46
C GLU B 31 -19.42 -42.98 -5.89
N LYS B 32 -18.96 -43.03 -4.63
CA LYS B 32 -18.47 -41.86 -3.93
C LYS B 32 -17.24 -41.23 -4.54
N LYS B 33 -16.45 -41.98 -5.30
CA LYS B 33 -15.29 -41.41 -5.98
C LYS B 33 -15.66 -40.87 -7.37
N ASN B 34 -16.96 -40.86 -7.65
CA ASN B 34 -17.55 -40.26 -8.84
C ASN B 34 -17.45 -41.10 -10.15
N PHE B 35 -17.38 -42.43 -10.03
CA PHE B 35 -17.46 -43.31 -11.20
C PHE B 35 -18.88 -43.73 -11.50
N LYS B 36 -19.21 -43.90 -12.78
CA LYS B 36 -20.61 -44.13 -13.16
C LYS B 36 -20.84 -45.53 -13.68
N ILE B 37 -22.03 -46.06 -13.44
CA ILE B 37 -22.43 -47.35 -13.96
C ILE B 37 -22.85 -47.24 -15.44
N VAL B 38 -22.06 -47.84 -16.34
CA VAL B 38 -22.43 -47.99 -17.75
C VAL B 38 -23.40 -49.17 -18.00
N SER B 39 -23.06 -50.36 -17.52
CA SER B 39 -23.99 -51.49 -17.52
C SER B 39 -23.75 -52.44 -16.34
N MET B 40 -24.75 -53.26 -16.04
CA MET B 40 -24.76 -54.05 -14.83
C MET B 40 -25.68 -55.27 -14.92
N LYS B 41 -25.15 -56.46 -14.60
CA LYS B 41 -26.01 -57.67 -14.48
C LYS B 41 -25.76 -58.52 -13.23
N PHE B 42 -26.86 -58.93 -12.62
CA PHE B 42 -26.85 -59.83 -11.47
C PHE B 42 -27.13 -61.29 -11.91
N TRP B 43 -26.17 -62.17 -11.64
CA TRP B 43 -26.30 -63.62 -11.85
C TRP B 43 -26.50 -64.36 -10.51
N SER B 44 -27.70 -64.88 -10.27
CA SER B 44 -27.98 -65.66 -9.04
C SER B 44 -27.05 -66.85 -8.89
N LYS B 45 -26.57 -67.35 -10.02
CA LYS B 45 -25.42 -68.25 -10.09
C LYS B 45 -24.82 -68.11 -11.49
N ALA B 46 -23.59 -67.65 -11.57
CA ALA B 46 -22.93 -67.46 -12.85
C ALA B 46 -22.72 -68.82 -13.53
N PRO B 47 -23.08 -68.94 -14.85
CA PRO B 47 -22.63 -70.12 -15.65
C PRO B 47 -21.12 -70.32 -15.57
N ARG B 48 -20.70 -71.56 -15.33
CA ARG B 48 -19.30 -71.89 -15.07
C ARG B 48 -18.27 -71.54 -16.19
N ASN B 49 -18.71 -71.59 -17.46
CA ASN B 49 -17.81 -71.23 -18.59
C ASN B 49 -17.34 -69.77 -18.60
N LEU B 50 -18.28 -68.85 -18.30
CA LEU B 50 -17.99 -67.41 -18.10
C LEU B 50 -16.91 -67.15 -17.05
N ILE B 51 -17.07 -67.80 -15.89
CA ILE B 51 -16.06 -67.75 -14.82
C ILE B 51 -14.70 -68.23 -15.34
N GLU B 52 -14.71 -69.45 -15.90
CA GLU B 52 -13.49 -70.10 -16.42
C GLU B 52 -12.74 -69.25 -17.46
N GLN B 53 -13.51 -68.71 -18.40
CA GLN B 53 -13.03 -67.68 -19.32
C GLN B 53 -12.46 -66.46 -18.60
N HIS B 54 -13.25 -65.84 -17.72
CA HIS B 54 -12.77 -64.66 -16.94
C HIS B 54 -11.40 -64.91 -16.32
N TYR B 55 -11.23 -66.07 -15.69
CA TYR B 55 -9.97 -66.39 -15.01
C TYR B 55 -8.95 -67.21 -15.83
N LYS B 56 -9.36 -67.56 -17.05
CA LYS B 56 -8.51 -67.88 -18.22
C LYS B 56 -6.97 -67.86 -18.07
N GLU B 57 -6.40 -66.75 -17.62
CA GLU B 57 -4.93 -66.64 -17.49
C GLU B 57 -4.43 -67.27 -16.18
N HIS B 58 -5.35 -67.79 -15.38
CA HIS B 58 -4.99 -68.48 -14.12
C HIS B 58 -5.22 -70.01 -14.19
N SER B 59 -5.38 -70.54 -15.40
CA SER B 59 -5.77 -71.96 -15.57
C SER B 59 -4.71 -73.00 -15.19
N GLU B 60 -3.43 -72.61 -15.10
CA GLU B 60 -2.40 -73.58 -14.70
C GLU B 60 -1.91 -73.44 -13.27
N GLN B 61 -2.73 -72.84 -12.40
CA GLN B 61 -2.35 -72.64 -11.00
C GLN B 61 -3.13 -73.65 -10.16
N SER B 62 -2.62 -73.95 -8.98
CA SER B 62 -3.25 -74.94 -8.11
C SER B 62 -4.61 -74.48 -7.56
N TYR B 63 -4.81 -73.16 -7.52
CA TYR B 63 -6.06 -72.62 -7.05
C TYR B 63 -7.15 -72.50 -8.11
N PHE B 64 -6.80 -72.70 -9.39
CA PHE B 64 -7.74 -72.43 -10.48
C PHE B 64 -9.12 -73.03 -10.22
N ASN B 65 -9.16 -74.34 -9.93
CA ASN B 65 -10.42 -75.08 -9.81
C ASN B 65 -11.23 -74.74 -8.55
N ASP B 66 -10.50 -74.54 -7.45
CA ASP B 66 -11.09 -74.21 -6.15
C ASP B 66 -11.75 -72.83 -6.21
N ASN B 67 -11.04 -71.89 -6.83
CA ASN B 67 -11.53 -70.54 -7.01
C ASN B 67 -12.81 -70.47 -7.80
N CYS B 68 -12.90 -71.25 -8.86
CA CYS B 68 -14.11 -71.28 -9.67
C CYS B 68 -15.28 -71.89 -8.90
N ASP B 69 -14.99 -72.89 -8.07
CA ASP B 69 -16.01 -73.46 -7.19
C ASP B 69 -16.52 -72.41 -6.20
N PHE B 70 -15.61 -71.59 -5.69
CA PHE B 70 -15.97 -70.41 -4.92
C PHE B 70 -16.87 -69.42 -5.72
N MET B 71 -16.43 -69.04 -6.94
CA MET B 71 -17.17 -68.09 -7.80
C MET B 71 -18.57 -68.58 -8.22
N VAL B 72 -18.79 -69.88 -8.06
CA VAL B 72 -20.08 -70.47 -8.36
C VAL B 72 -20.93 -70.80 -7.11
N SER B 73 -20.39 -70.55 -5.91
CA SER B 73 -21.07 -70.90 -4.64
C SER B 73 -22.23 -69.98 -4.23
N GLY B 74 -22.28 -68.80 -4.84
CA GLY B 74 -23.41 -67.90 -4.65
C GLY B 74 -23.42 -66.86 -5.76
N PRO B 75 -24.26 -65.80 -5.61
CA PRO B 75 -24.45 -64.80 -6.68
C PRO B 75 -23.21 -63.97 -7.00
N ILE B 76 -23.11 -63.48 -8.23
CA ILE B 76 -22.19 -62.36 -8.51
C ILE B 76 -22.92 -61.22 -9.24
N ILE B 77 -22.29 -60.04 -9.23
CA ILE B 77 -22.72 -58.89 -10.04
C ILE B 77 -21.57 -58.44 -10.94
N SER B 78 -21.90 -58.25 -12.23
CA SER B 78 -20.94 -57.71 -13.22
C SER B 78 -21.33 -56.26 -13.52
N ILE B 79 -20.34 -55.37 -13.46
CA ILE B 79 -20.58 -53.94 -13.67
C ILE B 79 -19.52 -53.35 -14.56
N VAL B 80 -19.95 -52.50 -15.51
CA VAL B 80 -19.03 -51.60 -16.26
C VAL B 80 -19.09 -50.22 -15.61
N TYR B 81 -17.91 -49.64 -15.36
CA TYR B 81 -17.80 -48.31 -14.77
C TYR B 81 -17.04 -47.35 -15.68
N GLU B 82 -17.50 -46.10 -15.74
CA GLU B 82 -16.85 -45.05 -16.56
C GLU B 82 -16.41 -43.79 -15.78
N GLY B 83 -15.21 -43.30 -16.09
CA GLY B 83 -14.71 -42.10 -15.47
C GLY B 83 -13.26 -41.86 -15.82
N THR B 84 -12.70 -40.79 -15.28
CA THR B 84 -11.33 -40.41 -15.61
C THR B 84 -10.30 -41.37 -14.99
N ASP B 85 -9.47 -41.97 -15.84
CA ASP B 85 -8.41 -42.87 -15.36
C ASP B 85 -9.08 -44.04 -14.62
N ALA B 86 -10.27 -44.46 -15.08
CA ALA B 86 -11.10 -45.43 -14.38
C ALA B 86 -10.41 -46.76 -14.05
N ILE B 87 -9.63 -47.30 -15.00
CA ILE B 87 -9.00 -48.61 -14.81
C ILE B 87 -8.14 -48.51 -13.58
N SER B 88 -7.10 -47.69 -13.69
CA SER B 88 -6.11 -47.52 -12.65
C SER B 88 -6.68 -47.10 -11.29
N LYS B 89 -7.64 -46.16 -11.29
CA LYS B 89 -8.17 -45.59 -10.04
C LYS B 89 -9.03 -46.61 -9.27
N ILE B 90 -9.92 -47.32 -9.97
CA ILE B 90 -10.74 -48.36 -9.34
C ILE B 90 -9.88 -49.55 -8.86
N ARG B 91 -8.74 -49.75 -9.50
CA ARG B 91 -7.79 -50.78 -9.13
C ARG B 91 -7.20 -50.44 -7.76
N ARG B 92 -6.85 -49.15 -7.58
CA ARG B 92 -6.26 -48.69 -6.32
C ARG B 92 -7.30 -48.70 -5.21
N LEU B 93 -8.54 -48.40 -5.55
CA LEU B 93 -9.65 -48.45 -4.63
C LEU B 93 -9.84 -49.87 -4.08
N GLN B 94 -9.89 -50.85 -4.99
CA GLN B 94 -9.83 -52.28 -4.68
C GLN B 94 -8.72 -52.59 -3.68
N GLY B 95 -7.50 -52.18 -4.01
CA GLY B 95 -6.33 -52.41 -3.16
C GLY B 95 -6.04 -53.87 -2.82
N ASN B 96 -5.61 -54.08 -1.58
CA ASN B 96 -5.28 -55.42 -1.06
C ASN B 96 -5.48 -55.50 0.46
N ILE B 97 -5.50 -56.74 0.95
CA ILE B 97 -5.82 -57.03 2.35
C ILE B 97 -4.81 -56.49 3.35
N LEU B 98 -3.69 -55.95 2.87
CA LEU B 98 -2.71 -55.30 3.76
C LEU B 98 -2.77 -53.75 3.75
N THR B 99 -3.63 -53.16 2.92
CA THR B 99 -3.68 -51.69 2.77
C THR B 99 -5.00 -51.06 3.28
N PRO B 100 -5.02 -50.56 4.54
CA PRO B 100 -6.20 -49.84 5.05
C PRO B 100 -6.55 -48.62 4.20
N GLY B 101 -7.83 -48.29 4.14
CA GLY B 101 -8.28 -47.19 3.27
C GLY B 101 -8.85 -47.71 1.96
N THR B 102 -8.52 -48.96 1.62
CA THR B 102 -9.04 -49.63 0.41
C THR B 102 -10.16 -50.60 0.72
N ILE B 103 -10.90 -51.02 -0.31
CA ILE B 103 -11.96 -51.99 -0.11
C ILE B 103 -11.50 -53.32 0.52
N ARG B 104 -10.45 -53.92 -0.04
CA ARG B 104 -9.91 -55.18 0.47
C ARG B 104 -9.17 -54.97 1.81
N GLY B 105 -8.44 -53.86 1.91
CA GLY B 105 -7.76 -53.49 3.16
C GLY B 105 -8.66 -53.26 4.36
N ASP B 106 -9.88 -52.74 4.12
CA ASP B 106 -10.83 -52.51 5.20
C ASP B 106 -11.77 -53.70 5.50
N LEU B 107 -12.05 -54.55 4.50
CA LEU B 107 -13.17 -55.50 4.66
C LEU B 107 -12.89 -56.98 4.43
N ALA B 108 -11.69 -57.30 3.94
CA ALA B 108 -11.34 -58.69 3.63
C ALA B 108 -10.04 -59.18 4.29
N ASN B 109 -9.98 -60.49 4.51
CA ASN B 109 -8.85 -61.07 5.23
C ASN B 109 -8.41 -62.45 4.69
N ASP B 110 -8.52 -62.64 3.39
CA ASP B 110 -8.38 -63.94 2.76
C ASP B 110 -7.81 -63.79 1.34
N ILE B 111 -7.07 -64.81 0.92
CA ILE B 111 -6.35 -64.79 -0.34
C ILE B 111 -7.26 -65.21 -1.52
N ARG B 112 -8.35 -65.91 -1.20
CA ARG B 112 -9.39 -66.27 -2.15
C ARG B 112 -10.68 -65.45 -1.97
N GLU B 113 -11.20 -65.35 -0.75
CA GLU B 113 -12.49 -64.66 -0.52
C GLU B 113 -12.22 -63.17 -0.22
N ASN B 114 -12.21 -62.39 -1.30
CA ASN B 114 -11.80 -60.99 -1.25
C ASN B 114 -12.77 -60.02 -1.94
N LEU B 115 -14.06 -60.39 -1.95
CA LEU B 115 -15.17 -59.47 -2.21
C LEU B 115 -15.30 -58.85 -3.63
N ILE B 116 -14.20 -58.43 -4.23
CA ILE B 116 -14.28 -57.65 -5.45
C ILE B 116 -13.15 -57.94 -6.44
N HIS B 117 -13.49 -58.01 -7.73
CA HIS B 117 -12.48 -57.97 -8.82
C HIS B 117 -12.55 -56.69 -9.66
N ALA B 118 -11.38 -56.09 -9.94
CA ALA B 118 -11.26 -55.00 -10.94
C ALA B 118 -10.22 -55.28 -12.03
N SER B 119 -10.51 -54.89 -13.28
CA SER B 119 -9.51 -54.95 -14.40
C SER B 119 -8.20 -54.21 -14.08
N ASP B 120 -7.08 -54.76 -14.55
CA ASP B 120 -5.74 -54.17 -14.34
C ASP B 120 -5.09 -53.50 -15.58
N SER B 121 -5.78 -53.52 -16.73
CA SER B 121 -5.23 -53.00 -18.00
C SER B 121 -6.33 -52.78 -19.03
N GLU B 122 -6.01 -51.98 -20.05
CA GLU B 122 -6.96 -51.65 -21.14
C GLU B 122 -7.42 -52.91 -21.88
N ASP B 123 -6.48 -53.79 -22.15
CA ASP B 123 -6.73 -55.11 -22.76
C ASP B 123 -7.62 -56.02 -21.89
N SER B 124 -7.20 -56.22 -20.63
CA SER B 124 -7.98 -56.95 -19.59
C SER B 124 -9.40 -56.45 -19.59
N ALA B 125 -9.53 -55.13 -19.51
CA ALA B 125 -10.85 -54.48 -19.49
C ALA B 125 -11.67 -54.87 -20.70
N VAL B 126 -11.07 -54.70 -21.89
CA VAL B 126 -11.73 -55.00 -23.17
C VAL B 126 -12.22 -56.45 -23.17
N ASP B 127 -11.25 -57.34 -22.93
CA ASP B 127 -11.45 -58.77 -22.63
C ASP B 127 -12.70 -59.08 -21.80
N GLU B 128 -12.63 -58.64 -20.54
CA GLU B 128 -13.56 -59.08 -19.51
C GLU B 128 -14.95 -58.49 -19.75
N ILE B 129 -14.98 -57.25 -20.25
CA ILE B 129 -16.23 -56.61 -20.73
C ILE B 129 -16.95 -57.50 -21.76
N SER B 130 -16.19 -58.00 -22.75
CA SER B 130 -16.69 -58.95 -23.78
C SER B 130 -17.30 -60.20 -23.18
N ILE B 131 -16.52 -60.88 -22.32
CA ILE B 131 -17.00 -62.05 -21.54
C ILE B 131 -18.37 -61.77 -20.92
N TRP B 132 -18.48 -60.68 -20.16
CA TRP B 132 -19.67 -60.41 -19.35
C TRP B 132 -20.77 -59.60 -20.06
N PHE B 133 -20.37 -58.73 -20.97
CA PHE B 133 -21.34 -57.88 -21.67
C PHE B 133 -21.19 -57.89 -23.22
N PRO B 134 -21.33 -59.07 -23.86
CA PRO B 134 -20.94 -59.16 -25.29
C PRO B 134 -21.91 -58.39 -26.22
N GLY C 5 21.17 57.21 -24.37
CA GLY C 5 19.93 57.22 -25.22
C GLY C 5 18.68 57.77 -24.50
N LEU C 6 18.62 59.10 -24.37
CA LEU C 6 17.47 59.74 -23.72
C LEU C 6 16.20 59.53 -24.52
N GLN C 7 15.11 59.14 -23.83
CA GLN C 7 13.76 59.24 -24.36
C GLN C 7 12.87 60.05 -23.43
N ARG C 8 11.69 60.41 -23.96
CA ARG C 8 10.62 60.97 -23.15
C ARG C 8 9.39 60.05 -23.30
N THR C 9 8.56 60.00 -22.27
CA THR C 9 7.37 59.12 -22.27
C THR C 9 6.20 59.80 -21.51
N LEU C 10 4.98 59.41 -21.86
CA LEU C 10 3.80 59.98 -21.21
C LEU C 10 3.27 59.07 -20.07
N VAL C 11 3.15 59.67 -18.87
CA VAL C 11 2.47 58.99 -17.76
C VAL C 11 1.18 59.70 -17.32
N LEU C 12 0.14 58.90 -17.10
CA LEU C 12 -1.06 59.35 -16.34
C LEU C 12 -1.25 58.63 -14.96
N ILE C 13 -1.40 59.45 -13.93
CA ILE C 13 -1.90 59.07 -12.62
C ILE C 13 -3.44 59.10 -12.68
N LYS C 14 -4.07 57.95 -12.43
CA LYS C 14 -5.50 57.77 -12.61
C LYS C 14 -6.30 58.10 -11.33
N PRO C 15 -7.65 58.33 -11.46
CA PRO C 15 -8.50 58.79 -10.34
C PRO C 15 -8.48 57.87 -9.11
N ASP C 16 -8.21 56.58 -9.29
CA ASP C 16 -8.14 55.66 -8.15
C ASP C 16 -6.94 55.96 -7.24
N ALA C 17 -5.90 56.58 -7.78
CA ALA C 17 -4.71 56.95 -7.00
C ALA C 17 -5.03 58.16 -6.09
N PHE C 18 -5.83 59.10 -6.58
CA PHE C 18 -6.32 60.17 -5.72
C PHE C 18 -7.27 59.63 -4.62
N GLU C 19 -8.28 58.86 -5.01
CA GLU C 19 -9.19 58.26 -4.04
C GLU C 19 -8.47 57.46 -2.92
N ARG C 20 -7.44 56.69 -3.29
CA ARG C 20 -6.71 55.86 -2.36
C ARG C 20 -5.47 56.54 -1.78
N SER C 21 -5.22 57.80 -2.12
CA SER C 21 -4.05 58.52 -1.59
C SER C 21 -2.65 57.91 -1.94
N LEU C 22 -2.47 57.53 -3.20
CA LEU C 22 -1.28 56.80 -3.62
C LEU C 22 -0.46 57.60 -4.67
N VAL C 23 -0.79 58.88 -4.82
CA VAL C 23 -0.17 59.71 -5.83
C VAL C 23 1.35 59.86 -5.58
N ALA C 24 1.73 60.25 -4.37
CA ALA C 24 3.17 60.41 -4.05
C ALA C 24 3.94 59.08 -4.11
N GLU C 25 3.31 58.01 -3.62
CA GLU C 25 3.86 56.66 -3.67
C GLU C 25 4.22 56.25 -5.09
N ILE C 26 3.31 56.44 -6.03
CA ILE C 26 3.54 56.09 -7.44
C ILE C 26 4.63 56.99 -8.09
N MET C 27 4.47 58.31 -7.97
CA MET C 27 5.46 59.27 -8.39
C MET C 27 6.87 59.04 -7.82
N GLY C 28 6.93 58.54 -6.59
CA GLY C 28 8.18 58.40 -5.85
C GLY C 28 8.97 57.22 -6.37
N ARG C 29 8.25 56.18 -6.79
CA ARG C 29 8.86 55.01 -7.41
C ARG C 29 9.57 55.35 -8.73
N ILE C 30 9.03 56.31 -9.48
CA ILE C 30 9.62 56.72 -10.76
C ILE C 30 10.78 57.69 -10.47
N GLU C 31 10.62 58.52 -9.43
CA GLU C 31 11.66 59.44 -8.99
C GLU C 31 12.93 58.70 -8.49
N LYS C 32 12.73 57.64 -7.72
CA LYS C 32 13.82 56.83 -7.15
C LYS C 32 14.62 56.09 -8.24
N LYS C 33 14.02 55.91 -9.40
CA LYS C 33 14.68 55.26 -10.50
C LYS C 33 15.43 56.22 -11.44
N ASN C 34 15.51 57.48 -11.00
CA ASN C 34 16.30 58.54 -11.64
C ASN C 34 15.67 59.20 -12.91
N PHE C 35 14.36 59.07 -13.07
CA PHE C 35 13.63 59.78 -14.14
C PHE C 35 13.24 61.20 -13.71
N LYS C 36 13.28 62.12 -14.69
CA LYS C 36 13.04 63.56 -14.44
C LYS C 36 11.74 64.03 -15.09
N ILE C 37 11.01 64.87 -14.36
CA ILE C 37 9.83 65.57 -14.86
C ILE C 37 10.25 66.71 -15.79
N VAL C 38 9.78 66.63 -17.02
CA VAL C 38 10.07 67.63 -18.04
C VAL C 38 8.86 68.55 -18.21
N SER C 39 7.65 67.99 -18.26
CA SER C 39 6.40 68.76 -18.00
C SER C 39 5.32 67.99 -17.19
N MET C 40 4.35 68.74 -16.63
CA MET C 40 3.31 68.16 -15.77
C MET C 40 2.06 69.03 -15.70
N LYS C 41 0.90 68.40 -15.85
CA LYS C 41 -0.39 69.07 -15.62
C LYS C 41 -1.31 68.34 -14.61
N PHE C 42 -1.92 69.11 -13.71
CA PHE C 42 -3.01 68.59 -12.89
C PHE C 42 -4.39 68.91 -13.49
N TRP C 43 -5.26 67.90 -13.54
CA TRP C 43 -6.64 68.06 -14.01
C TRP C 43 -7.62 67.57 -12.95
N SER C 44 -8.31 68.53 -12.33
CA SER C 44 -9.37 68.19 -11.36
C SER C 44 -10.44 67.33 -12.05
N LYS C 45 -10.78 67.69 -13.29
CA LYS C 45 -11.52 66.80 -14.15
C LYS C 45 -11.01 66.95 -15.59
N ALA C 46 -10.43 65.91 -16.17
CA ALA C 46 -10.00 66.01 -17.57
C ALA C 46 -11.21 66.05 -18.52
N PRO C 47 -11.17 66.93 -19.54
CA PRO C 47 -12.20 66.97 -20.56
C PRO C 47 -12.31 65.63 -21.26
N ARG C 48 -13.54 65.20 -21.51
CA ARG C 48 -13.75 63.83 -21.98
C ARG C 48 -13.12 63.50 -23.35
N ASN C 49 -13.00 64.50 -24.24
CA ASN C 49 -12.46 64.26 -25.58
C ASN C 49 -10.94 63.96 -25.56
N LEU C 50 -10.21 64.56 -24.61
CA LEU C 50 -8.81 64.23 -24.31
C LEU C 50 -8.61 62.77 -23.91
N ILE C 51 -9.46 62.29 -23.01
CA ILE C 51 -9.46 60.88 -22.59
C ILE C 51 -9.73 59.99 -23.78
N GLU C 52 -10.74 60.34 -24.57
CA GLU C 52 -11.15 59.54 -25.73
C GLU C 52 -10.11 59.50 -26.87
N GLN C 53 -9.50 60.64 -27.17
CA GLN C 53 -8.27 60.72 -27.98
C GLN C 53 -7.17 59.81 -27.44
N HIS C 54 -6.81 60.00 -26.17
CA HIS C 54 -5.78 59.19 -25.50
C HIS C 54 -6.03 57.72 -25.68
N TYR C 55 -7.29 57.30 -25.57
CA TYR C 55 -7.62 55.86 -25.67
C TYR C 55 -8.25 55.43 -27.02
N LYS C 56 -8.00 56.24 -28.05
CA LYS C 56 -8.63 56.08 -29.39
C LYS C 56 -8.44 54.70 -30.05
N GLU C 57 -7.30 54.06 -29.79
CA GLU C 57 -7.01 52.71 -30.31
C GLU C 57 -7.88 51.67 -29.64
N HIS C 58 -8.67 52.09 -28.65
CA HIS C 58 -9.49 51.19 -27.83
C HIS C 58 -10.99 51.37 -28.11
N SER C 59 -11.31 52.20 -29.11
CA SER C 59 -12.69 52.66 -29.37
C SER C 59 -13.72 51.59 -29.68
N GLU C 60 -13.26 50.43 -30.16
CA GLU C 60 -14.18 49.36 -30.53
C GLU C 60 -14.33 48.25 -29.44
N GLN C 61 -13.66 48.40 -28.30
CA GLN C 61 -13.67 47.35 -27.28
C GLN C 61 -14.91 47.47 -26.38
N SER C 62 -15.31 46.38 -25.74
CA SER C 62 -16.51 46.45 -24.90
C SER C 62 -16.37 47.38 -23.69
N TYR C 63 -15.14 47.57 -23.21
CA TYR C 63 -14.90 48.36 -22.00
C TYR C 63 -14.66 49.85 -22.25
N PHE C 64 -14.62 50.26 -23.53
CA PHE C 64 -14.24 51.63 -23.91
C PHE C 64 -14.98 52.78 -23.16
N ASN C 65 -16.31 52.73 -23.20
CA ASN C 65 -17.17 53.75 -22.57
C ASN C 65 -17.04 53.79 -21.05
N ASP C 66 -17.16 52.62 -20.42
CA ASP C 66 -16.98 52.47 -18.99
C ASP C 66 -15.60 52.98 -18.50
N ASN C 67 -14.53 52.67 -19.22
CA ASN C 67 -13.21 53.16 -18.81
C ASN C 67 -13.08 54.65 -18.89
N CYS C 68 -13.65 55.26 -19.93
CA CYS C 68 -13.68 56.71 -20.01
C CYS C 68 -14.47 57.33 -18.86
N ASP C 69 -15.57 56.68 -18.48
CA ASP C 69 -16.34 57.14 -17.31
C ASP C 69 -15.54 57.07 -16.02
N PHE C 70 -14.83 55.95 -15.81
CA PHE C 70 -13.86 55.89 -14.69
C PHE C 70 -12.86 57.06 -14.73
N MET C 71 -12.28 57.32 -15.90
CA MET C 71 -11.17 58.30 -16.04
C MET C 71 -11.61 59.75 -15.82
N VAL C 72 -12.92 59.95 -15.79
CA VAL C 72 -13.49 61.29 -15.61
C VAL C 72 -14.17 61.42 -14.22
N SER C 73 -14.14 60.32 -13.45
CA SER C 73 -14.71 60.23 -12.10
C SER C 73 -13.90 60.93 -11.00
N GLY C 74 -12.68 61.36 -11.30
CA GLY C 74 -11.86 62.06 -10.32
C GLY C 74 -10.70 62.77 -11.00
N PRO C 75 -9.76 63.33 -10.19
CA PRO C 75 -8.60 63.98 -10.79
C PRO C 75 -7.66 63.02 -11.52
N ILE C 76 -6.90 63.57 -12.45
CA ILE C 76 -5.75 62.88 -13.04
C ILE C 76 -4.58 63.84 -13.20
N ILE C 77 -3.35 63.28 -13.21
CA ILE C 77 -2.13 64.05 -13.48
C ILE C 77 -1.46 63.46 -14.73
N SER C 78 -1.14 64.31 -15.73
CA SER C 78 -0.33 63.91 -16.87
C SER C 78 1.11 64.41 -16.72
N ILE C 79 2.07 63.51 -16.98
CA ILE C 79 3.48 63.85 -16.80
C ILE C 79 4.29 63.40 -17.99
N VAL C 80 5.18 64.27 -18.47
CA VAL C 80 6.29 63.84 -19.36
C VAL C 80 7.58 63.62 -18.58
N TYR C 81 8.04 62.36 -18.61
CA TYR C 81 9.29 61.97 -17.97
C TYR C 81 10.41 61.75 -19.00
N GLU C 82 11.62 62.17 -18.62
CA GLU C 82 12.84 62.02 -19.41
C GLU C 82 13.91 61.20 -18.70
N GLY C 83 14.58 60.32 -19.45
CA GLY C 83 15.71 59.54 -18.97
C GLY C 83 16.08 58.45 -19.95
N THR C 84 17.11 57.67 -19.61
CA THR C 84 17.64 56.68 -20.55
C THR C 84 16.66 55.56 -20.68
N ASP C 85 16.19 55.32 -21.89
CA ASP C 85 15.33 54.15 -22.14
C ASP C 85 13.99 54.27 -21.38
N ALA C 86 13.59 55.52 -21.12
CA ALA C 86 12.39 55.90 -20.36
C ALA C 86 11.15 55.11 -20.68
N ILE C 87 10.85 54.95 -21.95
CA ILE C 87 9.62 54.29 -22.38
C ILE C 87 9.48 52.87 -21.80
N SER C 88 10.46 52.04 -22.10
CA SER C 88 10.42 50.65 -21.73
C SER C 88 10.65 50.48 -20.20
N LYS C 89 11.49 51.33 -19.61
CA LYS C 89 11.76 51.22 -18.17
C LYS C 89 10.55 51.56 -17.26
N ILE C 90 9.88 52.67 -17.55
CA ILE C 90 8.66 53.05 -16.87
C ILE C 90 7.49 52.06 -17.11
N ARG C 91 7.37 51.54 -18.34
CA ARG C 91 6.46 50.43 -18.61
C ARG C 91 6.66 49.21 -17.70
N ARG C 92 7.92 48.83 -17.48
CA ARG C 92 8.27 47.71 -16.59
C ARG C 92 7.93 48.07 -15.14
N LEU C 93 8.14 49.33 -14.78
CA LEU C 93 7.89 49.82 -13.44
C LEU C 93 6.38 49.79 -13.12
N GLN C 94 5.58 50.19 -14.09
CA GLN C 94 4.15 50.04 -14.02
C GLN C 94 3.73 48.56 -13.83
N GLY C 95 4.31 47.66 -14.63
CA GLY C 95 4.02 46.21 -14.57
C GLY C 95 2.53 45.85 -14.66
N ASN C 96 2.13 44.84 -13.89
CA ASN C 96 0.75 44.37 -13.87
C ASN C 96 0.40 43.79 -12.49
N ILE C 97 -0.88 43.51 -12.27
CA ILE C 97 -1.39 43.10 -10.95
C ILE C 97 -0.96 41.69 -10.53
N LEU C 98 -0.38 40.94 -11.46
CA LEU C 98 0.15 39.61 -11.14
C LEU C 98 1.63 39.61 -10.77
N THR C 99 2.29 40.77 -10.85
CA THR C 99 3.76 40.85 -10.74
C THR C 99 4.25 41.70 -9.52
N PRO C 100 4.54 41.05 -8.39
CA PRO C 100 5.06 41.78 -7.20
C PRO C 100 6.35 42.52 -7.51
N GLY C 101 6.54 43.70 -6.90
CA GLY C 101 7.73 44.55 -7.16
C GLY C 101 7.44 45.76 -8.05
N THR C 102 6.37 45.64 -8.85
CA THR C 102 5.88 46.73 -9.70
C THR C 102 4.75 47.54 -9.02
N ILE C 103 4.49 48.74 -9.54
CA ILE C 103 3.37 49.55 -9.05
C ILE C 103 2.02 48.75 -8.99
N ARG C 104 1.58 48.24 -10.15
CA ARG C 104 0.31 47.49 -10.16
C ARG C 104 0.36 46.20 -9.32
N GLY C 105 1.50 45.52 -9.37
CA GLY C 105 1.67 44.27 -8.63
C GLY C 105 1.64 44.43 -7.13
N ASP C 106 2.11 45.58 -6.62
CA ASP C 106 2.09 45.85 -5.20
C ASP C 106 0.77 46.51 -4.72
N LEU C 107 0.12 47.29 -5.58
CA LEU C 107 -0.90 48.24 -5.10
C LEU C 107 -2.28 48.15 -5.75
N ALA C 108 -2.38 47.43 -6.87
CA ALA C 108 -3.64 47.31 -7.59
C ALA C 108 -4.18 45.88 -7.60
N ASN C 109 -5.49 45.75 -7.83
CA ASN C 109 -6.13 44.43 -7.91
C ASN C 109 -7.39 44.44 -8.76
N ASP C 110 -7.34 45.22 -9.84
CA ASP C 110 -8.49 45.41 -10.72
C ASP C 110 -8.08 45.54 -12.20
N ILE C 111 -9.00 45.20 -13.10
CA ILE C 111 -8.76 45.25 -14.53
C ILE C 111 -8.96 46.65 -15.08
N ARG C 112 -9.79 47.43 -14.40
CA ARG C 112 -10.02 48.81 -14.81
C ARG C 112 -9.18 49.76 -13.93
N GLU C 113 -9.33 49.61 -12.62
CA GLU C 113 -8.77 50.58 -11.69
C GLU C 113 -7.37 50.13 -11.28
N ASN C 114 -6.42 50.50 -12.14
CA ASN C 114 -5.03 50.06 -12.01
C ASN C 114 -3.99 51.19 -11.96
N LEU C 115 -4.40 52.32 -11.39
CA LEU C 115 -3.49 53.38 -10.87
C LEU C 115 -2.72 54.25 -11.87
N ILE C 116 -2.17 53.63 -12.91
CA ILE C 116 -1.17 54.29 -13.77
C ILE C 116 -1.26 53.85 -15.24
N HIS C 117 -1.15 54.84 -16.15
CA HIS C 117 -0.84 54.62 -17.58
C HIS C 117 0.62 55.06 -17.89
N ALA C 118 1.32 54.22 -18.68
CA ALA C 118 2.57 54.62 -19.37
C ALA C 118 2.55 54.23 -20.85
N SER C 119 3.06 55.10 -21.72
CA SER C 119 3.27 54.78 -23.16
C SER C 119 4.05 53.50 -23.37
N ASP C 120 3.59 52.68 -24.30
CA ASP C 120 4.27 51.38 -24.58
C ASP C 120 5.16 51.32 -25.83
N SER C 121 5.29 52.42 -26.57
CA SER C 121 6.14 52.47 -27.79
C SER C 121 6.55 53.90 -28.06
N GLU C 122 7.54 54.07 -28.95
CA GLU C 122 8.04 55.40 -29.34
C GLU C 122 6.99 56.27 -30.03
N ASP C 123 6.21 55.64 -30.89
CA ASP C 123 5.11 56.27 -31.63
C ASP C 123 3.98 56.68 -30.69
N SER C 124 3.52 55.74 -29.85
CA SER C 124 2.50 56.06 -28.84
C SER C 124 2.96 57.17 -27.89
N ALA C 125 4.22 57.09 -27.47
CA ALA C 125 4.82 58.15 -26.67
C ALA C 125 4.68 59.50 -27.36
N VAL C 126 5.22 59.63 -28.58
CA VAL C 126 5.10 60.86 -29.39
C VAL C 126 3.66 61.38 -29.51
N ASP C 127 2.74 60.51 -29.89
CA ASP C 127 1.33 60.87 -29.96
C ASP C 127 0.70 61.28 -28.59
N GLU C 128 0.78 60.40 -27.59
CA GLU C 128 0.27 60.75 -26.24
C GLU C 128 0.82 62.08 -25.67
N ILE C 129 2.12 62.35 -25.85
CA ILE C 129 2.68 63.67 -25.44
C ILE C 129 1.98 64.86 -26.15
N SER C 130 1.70 64.70 -27.45
CA SER C 130 1.02 65.74 -28.24
C SER C 130 -0.48 65.96 -27.87
N ILE C 131 -1.16 64.89 -27.44
CA ILE C 131 -2.51 65.03 -26.85
C ILE C 131 -2.56 65.94 -25.59
N TRP C 132 -1.69 65.68 -24.61
CA TRP C 132 -1.78 66.34 -23.29
C TRP C 132 -0.91 67.59 -23.19
N PHE C 133 0.10 67.67 -24.07
CA PHE C 133 0.95 68.86 -24.14
C PHE C 133 1.10 69.36 -25.60
N PRO C 134 -0.02 69.82 -26.21
CA PRO C 134 -0.04 70.25 -27.62
C PRO C 134 0.79 71.52 -27.92
N GLU C 135 1.09 72.33 -26.90
CA GLU C 135 2.07 73.42 -27.02
C GLU C 135 3.44 72.81 -27.29
N THR C 136 3.51 72.06 -28.40
CA THR C 136 4.71 71.36 -28.88
C THR C 136 4.30 70.04 -29.56
N GLY D 5 -1.28 -69.37 9.70
CA GLY D 5 -2.68 -69.00 9.38
C GLY D 5 -3.31 -68.36 10.60
N LEU D 6 -4.18 -69.11 11.25
CA LEU D 6 -4.95 -68.66 12.42
C LEU D 6 -4.09 -68.13 13.57
N GLN D 7 -4.52 -67.02 14.16
CA GLN D 7 -3.79 -66.37 15.23
C GLN D 7 -4.71 -65.64 16.21
N ARG D 8 -4.17 -65.35 17.40
CA ARG D 8 -4.88 -64.56 18.40
C ARG D 8 -3.99 -63.40 18.78
N THR D 9 -4.59 -62.25 19.04
CA THR D 9 -3.81 -61.07 19.41
C THR D 9 -4.56 -60.33 20.50
N LEU D 10 -3.90 -59.40 21.16
CA LEU D 10 -4.53 -58.73 22.28
C LEU D 10 -4.76 -57.25 21.96
N VAL D 11 -6.02 -56.82 22.08
CA VAL D 11 -6.35 -55.39 21.97
C VAL D 11 -6.78 -54.77 23.30
N LEU D 12 -6.25 -53.57 23.61
CA LEU D 12 -6.84 -52.65 24.62
C LEU D 12 -7.57 -51.44 24.01
N ILE D 13 -8.76 -51.16 24.53
CA ILE D 13 -9.51 -49.93 24.17
C ILE D 13 -9.26 -48.98 25.31
N LYS D 14 -8.61 -47.86 24.99
CA LYS D 14 -8.06 -46.95 25.99
C LYS D 14 -9.11 -45.94 26.51
N PRO D 15 -8.84 -45.31 27.69
CA PRO D 15 -9.80 -44.38 28.30
C PRO D 15 -10.20 -43.21 27.40
N ASP D 16 -9.33 -42.78 26.50
CA ASP D 16 -9.74 -41.67 25.62
C ASP D 16 -10.92 -42.02 24.69
N ALA D 17 -11.09 -43.32 24.39
CA ALA D 17 -12.21 -43.79 23.57
C ALA D 17 -13.59 -43.70 24.25
N PHE D 18 -13.64 -43.96 25.54
CA PHE D 18 -14.88 -43.81 26.34
C PHE D 18 -15.22 -42.32 26.50
N GLU D 19 -14.19 -41.53 26.77
CA GLU D 19 -14.37 -40.12 26.88
C GLU D 19 -14.94 -39.49 25.59
N ARG D 20 -14.40 -39.91 24.44
CA ARG D 20 -14.80 -39.33 23.16
C ARG D 20 -15.94 -40.10 22.48
N SER D 21 -16.47 -41.12 23.16
CA SER D 21 -17.54 -41.96 22.58
C SER D 21 -17.15 -42.67 21.28
N LEU D 22 -15.97 -43.28 21.24
CA LEU D 22 -15.49 -43.90 20.03
C LEU D 22 -15.35 -45.44 20.11
N VAL D 23 -15.88 -46.04 21.16
CA VAL D 23 -15.68 -47.47 21.43
C VAL D 23 -16.20 -48.40 20.31
N ALA D 24 -17.48 -48.22 19.93
CA ALA D 24 -18.14 -49.02 18.89
C ALA D 24 -17.52 -48.78 17.53
N GLU D 25 -17.15 -47.53 17.27
CA GLU D 25 -16.42 -47.15 16.06
C GLU D 25 -15.12 -47.96 15.91
N ILE D 26 -14.34 -48.05 16.97
CA ILE D 26 -13.08 -48.80 16.96
C ILE D 26 -13.36 -50.30 16.84
N MET D 27 -14.26 -50.82 17.67
CA MET D 27 -14.66 -52.22 17.58
C MET D 27 -15.22 -52.60 16.19
N GLY D 28 -15.95 -51.68 15.57
CA GLY D 28 -16.56 -51.90 14.24
C GLY D 28 -15.54 -52.14 13.15
N ARG D 29 -14.43 -51.39 13.21
CA ARG D 29 -13.37 -51.52 12.20
C ARG D 29 -12.67 -52.88 12.25
N ILE D 30 -12.46 -53.39 13.47
CA ILE D 30 -11.95 -54.74 13.62
C ILE D 30 -13.01 -55.75 13.20
N GLU D 31 -14.26 -55.50 13.55
CA GLU D 31 -15.35 -56.42 13.20
C GLU D 31 -15.55 -56.54 11.68
N LYS D 32 -15.34 -55.43 10.95
CA LYS D 32 -15.58 -55.36 9.48
C LYS D 32 -14.50 -56.08 8.68
N LYS D 33 -13.29 -56.19 9.24
CA LYS D 33 -12.25 -56.95 8.57
C LYS D 33 -12.38 -58.46 8.88
N ASN D 34 -13.50 -58.84 9.52
CA ASN D 34 -13.86 -60.26 9.76
C ASN D 34 -13.15 -60.98 10.94
N PHE D 35 -12.57 -60.21 11.88
CA PHE D 35 -12.00 -60.79 13.09
C PHE D 35 -13.02 -61.03 14.20
N LYS D 36 -12.75 -62.09 14.96
CA LYS D 36 -13.67 -62.68 15.95
C LYS D 36 -13.23 -62.47 17.38
N ILE D 37 -14.19 -62.16 18.27
CA ILE D 37 -13.95 -62.02 19.72
C ILE D 37 -13.90 -63.41 20.38
N VAL D 38 -12.77 -63.72 21.00
CA VAL D 38 -12.53 -65.00 21.71
C VAL D 38 -12.89 -64.82 23.20
N SER D 39 -12.41 -63.72 23.78
CA SER D 39 -12.77 -63.32 25.14
C SER D 39 -12.65 -61.81 25.29
N MET D 40 -13.35 -61.24 26.26
CA MET D 40 -13.41 -59.79 26.43
C MET D 40 -13.80 -59.46 27.85
N LYS D 41 -13.18 -58.43 28.43
CA LYS D 41 -13.46 -57.96 29.80
C LYS D 41 -13.53 -56.45 29.87
N PHE D 42 -14.46 -55.94 30.66
CA PHE D 42 -14.60 -54.51 30.87
C PHE D 42 -14.05 -54.10 32.25
N TRP D 43 -13.16 -53.11 32.28
CA TRP D 43 -12.60 -52.59 33.53
C TRP D 43 -12.95 -51.12 33.71
N SER D 44 -13.87 -50.79 34.63
CA SER D 44 -14.16 -49.38 34.95
C SER D 44 -12.93 -48.63 35.42
N LYS D 45 -12.04 -49.34 36.09
CA LYS D 45 -10.71 -48.86 36.36
C LYS D 45 -9.82 -50.08 36.37
N ALA D 46 -8.82 -50.13 35.50
CA ALA D 46 -7.92 -51.28 35.50
C ALA D 46 -7.00 -51.20 36.74
N PRO D 47 -6.68 -52.36 37.35
CA PRO D 47 -5.65 -52.36 38.39
C PRO D 47 -4.35 -51.81 37.85
N ARG D 48 -3.73 -50.93 38.62
CA ARG D 48 -2.51 -50.27 38.23
C ARG D 48 -1.36 -51.25 37.89
N ASN D 49 -1.28 -52.37 38.61
CA ASN D 49 -0.20 -53.34 38.40
C ASN D 49 -0.27 -54.00 37.03
N LEU D 50 -1.51 -54.23 36.56
CA LEU D 50 -1.77 -54.76 35.22
C LEU D 50 -1.27 -53.84 34.10
N ILE D 51 -1.47 -52.54 34.26
CA ILE D 51 -0.95 -51.56 33.32
C ILE D 51 0.58 -51.63 33.28
N GLU D 52 1.20 -51.55 34.47
CA GLU D 52 2.67 -51.59 34.59
C GLU D 52 3.29 -52.88 34.04
N GLN D 53 2.65 -54.02 34.30
CA GLN D 53 3.03 -55.26 33.62
C GLN D 53 2.93 -55.07 32.11
N HIS D 54 1.76 -54.63 31.63
CA HIS D 54 1.51 -54.44 30.20
C HIS D 54 2.58 -53.58 29.49
N TYR D 55 2.88 -52.41 30.06
CA TYR D 55 3.95 -51.56 29.52
C TYR D 55 5.38 -51.75 30.14
N LYS D 56 5.68 -52.97 30.58
CA LYS D 56 6.94 -53.28 31.30
C LYS D 56 8.22 -52.87 30.55
N GLU D 57 8.22 -53.03 29.22
CA GLU D 57 9.38 -52.69 28.38
C GLU D 57 9.72 -51.19 28.28
N HIS D 58 8.81 -50.34 28.78
CA HIS D 58 8.93 -48.88 28.62
C HIS D 58 9.26 -48.24 29.96
N SER D 59 9.48 -49.09 30.98
CA SER D 59 9.54 -48.63 32.39
C SER D 59 10.69 -47.71 32.72
N GLU D 60 11.65 -47.61 31.81
CA GLU D 60 12.74 -46.65 31.95
C GLU D 60 12.56 -45.42 31.06
N GLN D 61 11.42 -45.32 30.37
CA GLN D 61 11.14 -44.15 29.52
C GLN D 61 10.62 -42.97 30.33
N SER D 62 10.87 -41.76 29.83
CA SER D 62 10.43 -40.52 30.47
C SER D 62 8.90 -40.35 30.44
N TYR D 63 8.23 -41.05 29.52
CA TYR D 63 6.79 -40.94 29.35
C TYR D 63 5.97 -41.97 30.14
N PHE D 64 6.65 -42.93 30.79
CA PHE D 64 6.02 -44.15 31.35
C PHE D 64 5.00 -43.92 32.47
N ASN D 65 5.27 -42.99 33.37
CA ASN D 65 4.41 -42.80 34.52
C ASN D 65 3.13 -42.07 34.16
N ASP D 66 3.28 -41.09 33.27
CA ASP D 66 2.15 -40.29 32.82
C ASP D 66 1.15 -41.14 32.01
N ASN D 67 1.69 -42.06 31.21
CA ASN D 67 0.88 -43.03 30.48
C ASN D 67 0.08 -44.00 31.38
N CYS D 68 0.77 -44.53 32.41
CA CYS D 68 0.14 -45.29 33.47
C CYS D 68 -1.01 -44.51 34.13
N ASP D 69 -0.73 -43.26 34.44
CA ASP D 69 -1.73 -42.35 35.00
C ASP D 69 -2.96 -42.24 34.09
N PHE D 70 -2.70 -42.01 32.80
CA PHE D 70 -3.74 -41.93 31.77
C PHE D 70 -4.55 -43.23 31.66
N MET D 71 -3.85 -44.38 31.69
CA MET D 71 -4.50 -45.69 31.49
C MET D 71 -5.48 -46.07 32.61
N VAL D 72 -5.43 -45.32 33.70
CA VAL D 72 -6.18 -45.65 34.89
C VAL D 72 -7.24 -44.56 35.21
N SER D 73 -7.22 -43.47 34.42
CA SER D 73 -8.16 -42.34 34.54
C SER D 73 -9.62 -42.56 34.04
N GLY D 74 -9.88 -43.69 33.39
CA GLY D 74 -11.24 -44.05 32.94
C GLY D 74 -11.22 -45.51 32.57
N PRO D 75 -12.34 -46.05 32.00
CA PRO D 75 -12.38 -47.48 31.69
C PRO D 75 -11.48 -47.92 30.55
N ILE D 76 -11.42 -49.25 30.42
CA ILE D 76 -10.63 -49.94 29.43
C ILE D 76 -11.40 -51.20 29.09
N ILE D 77 -11.31 -51.60 27.82
CA ILE D 77 -11.75 -52.92 27.42
C ILE D 77 -10.55 -53.71 26.92
N SER D 78 -10.40 -54.94 27.44
CA SER D 78 -9.39 -55.87 26.90
C SER D 78 -10.04 -56.98 26.07
N ILE D 79 -9.50 -57.21 24.88
CA ILE D 79 -10.13 -58.16 23.95
C ILE D 79 -9.09 -59.08 23.39
N VAL D 80 -9.46 -60.35 23.20
CA VAL D 80 -8.63 -61.29 22.42
C VAL D 80 -9.36 -61.55 21.12
N TYR D 81 -8.69 -61.20 20.01
CA TYR D 81 -9.25 -61.36 18.68
C TYR D 81 -8.59 -62.54 17.93
N GLU D 82 -9.41 -63.28 17.20
CA GLU D 82 -8.91 -64.38 16.41
C GLU D 82 -9.17 -64.24 14.92
N GLY D 83 -8.14 -64.54 14.13
CA GLY D 83 -8.27 -64.68 12.67
C GLY D 83 -6.96 -64.94 11.95
N THR D 84 -7.05 -65.16 10.65
CA THR D 84 -5.86 -65.36 9.80
C THR D 84 -4.96 -64.16 9.95
N ASP D 85 -3.72 -64.37 10.39
CA ASP D 85 -2.68 -63.31 10.41
C ASP D 85 -3.07 -62.08 11.27
N ALA D 86 -3.87 -62.36 12.32
CA ALA D 86 -4.46 -61.37 13.22
C ALA D 86 -3.47 -60.40 13.82
N ILE D 87 -2.29 -60.88 14.20
CA ILE D 87 -1.37 -60.02 14.94
C ILE D 87 -0.98 -58.82 14.09
N SER D 88 -0.44 -59.11 12.91
CA SER D 88 0.06 -58.11 12.01
C SER D 88 -1.07 -57.29 11.35
N LYS D 89 -2.14 -57.95 10.94
CA LYS D 89 -3.29 -57.26 10.32
C LYS D 89 -4.00 -56.24 11.23
N ILE D 90 -4.18 -56.57 12.52
CA ILE D 90 -4.82 -55.64 13.48
C ILE D 90 -3.86 -54.52 13.85
N ARG D 91 -2.55 -54.82 13.84
CA ARG D 91 -1.50 -53.80 14.03
C ARG D 91 -1.56 -52.74 12.93
N ARG D 92 -1.77 -53.20 11.68
CA ARG D 92 -2.01 -52.29 10.55
C ARG D 92 -3.32 -51.49 10.67
N LEU D 93 -4.37 -52.12 11.17
CA LEU D 93 -5.63 -51.40 11.46
C LEU D 93 -5.41 -50.29 12.47
N GLN D 94 -4.69 -50.61 13.55
CA GLN D 94 -4.31 -49.62 14.54
C GLN D 94 -3.65 -48.41 13.88
N GLY D 95 -2.59 -48.67 13.10
CA GLY D 95 -1.85 -47.64 12.38
C GLY D 95 -1.16 -46.60 13.24
N ASN D 96 -0.91 -45.43 12.64
CA ASN D 96 -0.32 -44.30 13.37
C ASN D 96 -1.04 -43.01 13.08
N ILE D 97 -0.83 -41.99 13.91
CA ILE D 97 -1.50 -40.69 13.72
C ILE D 97 -1.13 -39.92 12.42
N LEU D 98 -0.13 -40.41 11.68
CA LEU D 98 0.30 -39.76 10.45
C LEU D 98 -0.46 -40.26 9.22
N THR D 99 -0.73 -41.57 9.16
CA THR D 99 -1.34 -42.21 7.96
C THR D 99 -2.89 -42.33 7.99
N PRO D 100 -3.60 -41.46 7.23
CA PRO D 100 -5.06 -41.62 7.04
C PRO D 100 -5.51 -43.03 6.61
N GLY D 101 -6.67 -43.47 7.05
CA GLY D 101 -7.20 -44.79 6.67
C GLY D 101 -7.09 -45.83 7.78
N THR D 102 -6.29 -45.54 8.80
CA THR D 102 -6.22 -46.42 9.96
C THR D 102 -7.05 -45.80 11.09
N ILE D 103 -7.28 -46.61 12.14
CA ILE D 103 -7.96 -46.14 13.35
C ILE D 103 -7.32 -44.84 13.93
N ARG D 104 -6.01 -44.89 14.20
CA ARG D 104 -5.27 -43.74 14.73
C ARG D 104 -5.14 -42.63 13.69
N GLY D 105 -5.00 -43.02 12.42
CA GLY D 105 -4.88 -42.04 11.35
C GLY D 105 -6.12 -41.19 11.15
N ASP D 106 -7.29 -41.80 11.27
CA ASP D 106 -8.54 -41.08 11.14
C ASP D 106 -8.97 -40.37 12.44
N LEU D 107 -8.70 -40.99 13.58
CA LEU D 107 -9.40 -40.60 14.82
C LEU D 107 -8.53 -40.01 15.94
N ALA D 108 -7.21 -40.18 15.86
CA ALA D 108 -6.32 -39.72 16.94
C ALA D 108 -5.33 -38.65 16.51
N ASN D 109 -4.88 -37.83 17.46
CA ASN D 109 -3.86 -36.78 17.19
C ASN D 109 -3.00 -36.45 18.43
N ASP D 110 -2.49 -37.47 19.11
CA ASP D 110 -1.69 -37.28 20.33
C ASP D 110 -0.68 -38.40 20.43
N ILE D 111 0.45 -38.12 21.08
CA ILE D 111 1.51 -39.14 21.24
C ILE D 111 1.20 -40.10 22.37
N ARG D 112 0.32 -39.68 23.27
CA ARG D 112 -0.14 -40.49 24.39
C ARG D 112 -1.58 -40.99 24.18
N GLU D 113 -2.52 -40.06 23.98
CA GLU D 113 -3.94 -40.43 23.88
C GLU D 113 -4.28 -40.90 22.46
N ASN D 114 -4.02 -42.17 22.21
CA ASN D 114 -4.16 -42.74 20.87
C ASN D 114 -5.12 -43.92 20.73
N LEU D 115 -6.09 -43.99 21.64
CA LEU D 115 -7.32 -44.79 21.47
C LEU D 115 -7.22 -46.31 21.63
N ILE D 116 -6.17 -46.90 21.06
CA ILE D 116 -6.09 -48.34 20.93
C ILE D 116 -4.66 -48.79 21.09
N HIS D 117 -4.48 -49.93 21.77
CA HIS D 117 -3.26 -50.75 21.70
C HIS D 117 -3.55 -52.11 21.07
N ALA D 118 -2.63 -52.57 20.22
CA ALA D 118 -2.62 -53.93 19.68
C ALA D 118 -1.20 -54.52 19.70
N SER D 119 -1.08 -55.79 20.12
CA SER D 119 0.19 -56.54 20.14
C SER D 119 1.00 -56.43 18.83
N ASP D 120 2.33 -56.29 18.93
CA ASP D 120 3.20 -56.18 17.73
C ASP D 120 4.02 -57.44 17.31
N SER D 121 4.02 -58.49 18.12
CA SER D 121 4.65 -59.74 17.71
C SER D 121 4.00 -60.95 18.35
N GLU D 122 4.33 -62.13 17.83
CA GLU D 122 3.90 -63.40 18.42
C GLU D 122 4.21 -63.50 19.92
N ASP D 123 5.43 -63.12 20.31
CA ASP D 123 5.83 -63.16 21.72
C ASP D 123 5.07 -62.15 22.57
N SER D 124 4.84 -60.94 22.04
CA SER D 124 4.16 -59.91 22.81
C SER D 124 2.64 -60.19 22.88
N ALA D 125 2.09 -60.84 21.86
CA ALA D 125 0.71 -61.36 21.92
C ALA D 125 0.49 -62.42 23.03
N VAL D 126 1.42 -63.37 23.13
CA VAL D 126 1.33 -64.46 24.10
C VAL D 126 1.43 -63.91 25.52
N ASP D 127 2.40 -63.03 25.72
CA ASP D 127 2.62 -62.42 27.01
C ASP D 127 1.43 -61.52 27.47
N GLU D 128 0.98 -60.66 26.54
CA GLU D 128 -0.14 -59.74 26.81
C GLU D 128 -1.47 -60.46 27.09
N ILE D 129 -1.74 -61.53 26.34
CA ILE D 129 -2.94 -62.34 26.61
C ILE D 129 -2.92 -62.92 28.02
N SER D 130 -1.76 -63.41 28.47
CA SER D 130 -1.66 -63.96 29.83
C SER D 130 -1.82 -62.88 30.94
N ILE D 131 -1.31 -61.68 30.69
CA ILE D 131 -1.50 -60.53 31.62
C ILE D 131 -3.00 -60.20 31.84
N TRP D 132 -3.76 -60.11 30.75
CA TRP D 132 -5.16 -59.69 30.80
C TRP D 132 -6.15 -60.83 31.02
N PHE D 133 -5.76 -62.02 30.57
CA PHE D 133 -6.61 -63.20 30.65
C PHE D 133 -5.82 -64.38 31.25
N PRO D 134 -5.42 -64.26 32.53
CA PRO D 134 -4.51 -65.26 33.13
C PRO D 134 -5.16 -66.63 33.27
N GLU D 135 -6.50 -66.66 33.37
CA GLU D 135 -7.25 -67.92 33.35
C GLU D 135 -6.99 -68.67 32.03
N THR D 136 -5.83 -68.36 31.44
CA THR D 136 -5.32 -68.87 30.14
C THR D 136 -6.08 -68.25 28.94
N GLY E 5 -15.30 37.71 -8.70
CA GLY E 5 -14.16 36.79 -8.36
C GLY E 5 -13.74 36.88 -6.89
N LEU E 6 -14.66 37.30 -6.03
CA LEU E 6 -14.44 37.50 -4.59
C LEU E 6 -14.16 36.17 -3.87
N GLN E 7 -13.04 36.07 -3.15
CA GLN E 7 -12.72 34.85 -2.38
C GLN E 7 -12.23 35.20 -0.98
N ARG E 8 -12.10 34.17 -0.15
CA ARG E 8 -11.53 34.30 1.18
C ARG E 8 -10.33 33.37 1.30
N THR E 9 -9.35 33.77 2.09
CA THR E 9 -8.19 32.93 2.28
C THR E 9 -7.71 32.96 3.73
N LEU E 10 -6.93 31.95 4.10
CA LEU E 10 -6.34 31.90 5.44
C LEU E 10 -4.85 32.25 5.44
N VAL E 11 -4.49 33.19 6.30
CA VAL E 11 -3.10 33.55 6.52
C VAL E 11 -2.74 33.28 7.96
N LEU E 12 -1.57 32.67 8.16
CA LEU E 12 -0.92 32.68 9.48
C LEU E 12 0.36 33.57 9.50
N ILE E 13 0.43 34.46 10.50
CA ILE E 13 1.68 35.16 10.85
C ILE E 13 2.48 34.31 11.86
N LYS E 14 3.66 33.85 11.47
CA LYS E 14 4.48 32.93 12.25
C LYS E 14 5.32 33.57 13.38
N PRO E 15 5.81 32.73 14.36
CA PRO E 15 6.54 33.27 15.54
C PRO E 15 7.77 34.13 15.18
N ASP E 16 8.44 33.83 14.07
CA ASP E 16 9.63 34.59 13.67
C ASP E 16 9.31 36.07 13.35
N ALA E 17 8.07 36.35 12.91
CA ALA E 17 7.69 37.71 12.58
C ALA E 17 7.62 38.54 13.85
N PHE E 18 7.19 37.89 14.93
CA PHE E 18 7.08 38.51 16.26
C PHE E 18 8.46 38.74 16.86
N GLU E 19 9.29 37.71 16.75
CA GLU E 19 10.67 37.75 17.15
C GLU E 19 11.45 38.91 16.45
N ARG E 20 11.23 39.11 15.16
CA ARG E 20 12.01 40.05 14.37
C ARG E 20 11.26 41.34 14.16
N SER E 21 10.10 41.48 14.81
CA SER E 21 9.31 42.72 14.74
C SER E 21 8.89 43.08 13.30
N LEU E 22 8.39 42.07 12.59
CA LEU E 22 7.97 42.25 11.22
C LEU E 22 6.48 42.12 11.05
N VAL E 23 5.74 42.06 12.14
CA VAL E 23 4.27 41.85 12.06
C VAL E 23 3.51 42.87 11.18
N ALA E 24 3.76 44.17 11.38
CA ALA E 24 2.99 45.19 10.66
C ALA E 24 3.51 45.33 9.23
N GLU E 25 4.80 45.08 9.04
CA GLU E 25 5.40 45.12 7.74
C GLU E 25 4.66 44.14 6.83
N ILE E 26 4.49 42.91 7.31
CA ILE E 26 3.79 41.83 6.59
C ILE E 26 2.34 42.17 6.35
N MET E 27 1.64 42.57 7.40
CA MET E 27 0.21 42.88 7.29
C MET E 27 -0.03 44.05 6.35
N GLY E 28 0.86 45.06 6.42
CA GLY E 28 0.85 46.25 5.54
C GLY E 28 0.94 45.96 4.05
N ARG E 29 1.78 44.99 3.68
CA ARG E 29 1.91 44.57 2.27
C ARG E 29 0.60 44.00 1.71
N ILE E 30 -0.14 43.24 2.53
CA ILE E 30 -1.41 42.70 2.10
C ILE E 30 -2.47 43.81 2.06
N GLU E 31 -2.49 44.65 3.11
CA GLU E 31 -3.35 45.83 3.20
C GLU E 31 -3.27 46.79 2.00
N LYS E 32 -2.04 47.05 1.55
CA LYS E 32 -1.75 48.06 0.51
C LYS E 32 -2.20 47.58 -0.89
N LYS E 33 -2.44 46.28 -0.99
CA LYS E 33 -2.85 45.65 -2.21
C LYS E 33 -4.36 45.56 -2.26
N ASN E 34 -4.98 46.09 -1.20
CA ASN E 34 -6.45 46.27 -1.08
C ASN E 34 -7.29 45.08 -0.57
N PHE E 35 -6.65 44.09 0.06
CA PHE E 35 -7.37 43.03 0.74
C PHE E 35 -7.87 43.41 2.16
N LYS E 36 -9.04 42.88 2.52
CA LYS E 36 -9.71 43.24 3.77
C LYS E 36 -9.67 42.10 4.79
N ILE E 37 -9.47 42.48 6.06
CA ILE E 37 -9.57 41.55 7.20
C ILE E 37 -11.04 41.27 7.47
N VAL E 38 -11.35 39.98 7.52
CA VAL E 38 -12.70 39.49 7.74
C VAL E 38 -12.85 38.89 9.14
N SER E 39 -11.81 38.21 9.64
CA SER E 39 -11.71 37.82 11.05
C SER E 39 -10.25 37.59 11.43
N MET E 40 -9.96 37.69 12.72
CA MET E 40 -8.58 37.66 13.18
C MET E 40 -8.50 37.15 14.62
N LYS E 41 -7.50 36.31 14.89
CA LYS E 41 -7.22 35.87 16.25
C LYS E 41 -5.74 35.97 16.58
N PHE E 42 -5.43 36.51 17.76
CA PHE E 42 -4.10 36.47 18.34
C PHE E 42 -3.92 35.27 19.32
N TRP E 43 -2.86 34.49 19.10
CA TRP E 43 -2.51 33.34 19.94
C TRP E 43 -1.10 33.50 20.49
N SER E 44 -0.97 33.73 21.81
CA SER E 44 0.36 33.89 22.42
C SER E 44 1.18 32.60 22.39
N LYS E 45 0.47 31.49 22.51
CA LYS E 45 0.99 30.17 22.13
C LYS E 45 -0.20 29.38 21.61
N ALA E 46 -0.08 28.87 20.38
CA ALA E 46 -1.15 28.10 19.76
C ALA E 46 -1.18 26.69 20.34
N PRO E 47 -2.40 26.15 20.59
CA PRO E 47 -2.54 24.72 20.94
C PRO E 47 -1.95 23.84 19.84
N ARG E 48 -1.09 22.93 20.27
CA ARG E 48 -0.39 22.00 19.40
C ARG E 48 -1.30 21.19 18.45
N ASN E 49 -2.46 20.81 18.97
CA ASN E 49 -3.52 20.17 18.23
C ASN E 49 -3.87 20.95 16.95
N LEU E 50 -4.13 22.26 17.11
CA LEU E 50 -4.42 23.17 15.98
C LEU E 50 -3.35 23.19 14.89
N ILE E 51 -2.08 23.28 15.30
CA ILE E 51 -0.91 23.21 14.39
C ILE E 51 -0.78 21.85 13.67
N GLU E 52 -1.00 20.78 14.43
CA GLU E 52 -1.00 19.40 13.87
C GLU E 52 -2.13 19.21 12.81
N GLN E 53 -3.34 19.65 13.13
CA GLN E 53 -4.41 19.69 12.15
C GLN E 53 -4.00 20.52 10.96
N HIS E 54 -3.56 21.76 11.22
CA HIS E 54 -3.18 22.71 10.15
C HIS E 54 -2.17 22.14 9.16
N TYR E 55 -1.14 21.47 9.67
CA TYR E 55 -0.15 20.87 8.77
C TYR E 55 -0.28 19.34 8.53
N LYS E 56 -1.51 18.82 8.55
CA LYS E 56 -1.78 17.34 8.45
C LYS E 56 -1.20 16.63 7.22
N GLU E 57 -1.28 17.30 6.06
CA GLU E 57 -0.75 16.77 4.80
C GLU E 57 0.75 16.53 4.86
N HIS E 58 1.39 17.06 5.90
CA HIS E 58 2.83 16.99 6.06
C HIS E 58 3.25 16.01 7.15
N SER E 59 2.28 15.33 7.77
CA SER E 59 2.55 14.40 8.90
C SER E 59 3.62 13.31 8.65
N GLU E 60 3.77 12.90 7.39
CA GLU E 60 4.76 11.87 7.06
C GLU E 60 6.13 12.41 6.69
N GLN E 61 6.28 13.73 6.64
CA GLN E 61 7.56 14.29 6.24
C GLN E 61 8.53 14.34 7.43
N SER E 62 9.82 14.42 7.13
CA SER E 62 10.86 14.40 8.16
C SER E 62 10.95 15.72 8.93
N TYR E 63 10.35 16.78 8.39
CA TYR E 63 10.39 18.11 9.03
C TYR E 63 9.15 18.40 9.87
N PHE E 64 8.19 17.47 9.87
CA PHE E 64 6.90 17.69 10.55
C PHE E 64 7.01 18.14 12.02
N ASN E 65 7.74 17.38 12.83
CA ASN E 65 7.85 17.63 14.27
C ASN E 65 8.62 18.89 14.66
N ASP E 66 9.77 19.10 14.01
CA ASP E 66 10.55 20.34 14.12
C ASP E 66 9.74 21.59 13.78
N ASN E 67 9.02 21.55 12.65
CA ASN E 67 8.14 22.65 12.24
C ASN E 67 7.07 22.95 13.29
N CYS E 68 6.43 21.89 13.76
CA CYS E 68 5.44 21.96 14.85
C CYS E 68 5.99 22.66 16.09
N ASP E 69 7.17 22.23 16.54
CA ASP E 69 7.93 22.88 17.62
C ASP E 69 8.14 24.38 17.35
N PHE E 70 8.69 24.73 16.18
CA PHE E 70 8.83 26.14 15.77
C PHE E 70 7.48 26.92 15.85
N MET E 71 6.41 26.40 15.26
CA MET E 71 5.09 27.07 15.28
C MET E 71 4.50 27.29 16.66
N VAL E 72 5.12 26.70 17.67
CA VAL E 72 4.56 26.71 19.00
C VAL E 72 5.51 27.50 19.94
N SER E 73 6.63 27.97 19.36
CA SER E 73 7.70 28.61 20.13
C SER E 73 7.51 30.13 20.36
N GLY E 74 6.34 30.66 20.00
CA GLY E 74 6.09 32.08 20.14
C GLY E 74 4.69 32.34 19.62
N PRO E 75 4.24 33.62 19.58
CA PRO E 75 2.87 33.86 19.13
C PRO E 75 2.65 33.68 17.60
N ILE E 76 1.40 33.40 17.25
CA ILE E 76 0.94 33.47 15.88
C ILE E 76 -0.37 34.29 15.78
N ILE E 77 -0.60 34.89 14.60
CA ILE E 77 -1.89 35.49 14.27
C ILE E 77 -2.49 34.68 13.10
N SER E 78 -3.78 34.36 13.22
CA SER E 78 -4.58 33.72 12.15
C SER E 78 -5.57 34.75 11.59
N ILE E 79 -5.54 34.92 10.28
CA ILE E 79 -6.37 35.96 9.64
C ILE E 79 -7.13 35.37 8.48
N VAL E 80 -8.41 35.69 8.42
CA VAL E 80 -9.18 35.50 7.18
C VAL E 80 -9.23 36.82 6.40
N TYR E 81 -8.85 36.73 5.13
CA TYR E 81 -8.74 37.85 4.23
C TYR E 81 -9.71 37.66 3.06
N GLU E 82 -10.33 38.76 2.63
CA GLU E 82 -11.27 38.75 1.52
C GLU E 82 -10.81 39.64 0.37
N GLY E 83 -11.17 39.24 -0.86
CA GLY E 83 -10.99 40.14 -2.01
C GLY E 83 -10.95 39.38 -3.30
N THR E 84 -10.91 40.10 -4.41
CA THR E 84 -10.90 39.51 -5.74
C THR E 84 -9.68 38.60 -5.86
N ASP E 85 -9.91 37.34 -6.24
CA ASP E 85 -8.82 36.38 -6.53
C ASP E 85 -7.86 36.26 -5.31
N ALA E 86 -8.40 36.40 -4.10
CA ALA E 86 -7.59 36.49 -2.89
C ALA E 86 -6.61 35.31 -2.66
N ILE E 87 -7.06 34.09 -2.90
CA ILE E 87 -6.21 32.91 -2.64
C ILE E 87 -4.94 32.97 -3.48
N SER E 88 -5.08 33.10 -4.78
CA SER E 88 -3.93 33.18 -5.67
C SER E 88 -3.04 34.48 -5.50
N LYS E 89 -3.67 35.63 -5.26
CA LYS E 89 -2.92 36.89 -5.08
C LYS E 89 -2.10 36.94 -3.79
N ILE E 90 -2.70 36.49 -2.68
CA ILE E 90 -2.01 36.53 -1.40
C ILE E 90 -0.82 35.56 -1.39
N ARG E 91 -0.99 34.42 -2.09
CA ARG E 91 0.11 33.46 -2.41
C ARG E 91 1.33 34.04 -3.20
N ARG E 92 1.07 34.77 -4.28
CA ARG E 92 2.10 35.53 -4.95
C ARG E 92 2.74 36.55 -4.03
N LEU E 93 1.93 37.26 -3.24
CA LEU E 93 2.45 38.24 -2.29
C LEU E 93 3.42 37.56 -1.30
N GLN E 94 3.00 36.40 -0.76
CA GLN E 94 3.84 35.54 0.10
C GLN E 94 5.19 35.21 -0.54
N GLY E 95 5.14 34.66 -1.77
CA GLY E 95 6.34 34.39 -2.55
C GLY E 95 7.24 33.25 -2.05
N ASN E 96 8.54 33.39 -2.32
CA ASN E 96 9.56 32.46 -1.87
C ASN E 96 10.84 33.23 -1.53
N ILE E 97 11.73 32.60 -0.77
CA ILE E 97 12.97 33.25 -0.34
C ILE E 97 13.95 33.56 -1.50
N LEU E 98 13.63 33.13 -2.72
CA LEU E 98 14.52 33.46 -3.82
C LEU E 98 14.25 34.80 -4.50
N THR E 99 12.99 35.07 -4.87
CA THR E 99 12.66 36.25 -5.71
C THR E 99 12.23 37.50 -4.94
N PRO E 100 13.03 38.59 -5.04
CA PRO E 100 12.71 39.90 -4.42
C PRO E 100 11.41 40.48 -4.94
N GLY E 101 10.80 41.37 -4.15
CA GLY E 101 9.48 41.92 -4.50
C GLY E 101 8.37 41.40 -3.60
N THR E 102 8.57 40.20 -3.03
CA THR E 102 7.58 39.55 -2.15
C THR E 102 7.96 39.63 -0.67
N ILE E 103 7.03 39.22 0.20
CA ILE E 103 7.30 39.16 1.62
C ILE E 103 8.49 38.25 1.96
N ARG E 104 8.46 37.01 1.49
CA ARG E 104 9.55 36.06 1.70
C ARG E 104 10.79 36.46 0.91
N GLY E 105 10.57 36.96 -0.30
CA GLY E 105 11.65 37.43 -1.20
C GLY E 105 12.52 38.53 -0.60
N ASP E 106 11.88 39.44 0.13
CA ASP E 106 12.51 40.59 0.76
C ASP E 106 13.01 40.35 2.18
N LEU E 107 12.28 39.51 2.93
CA LEU E 107 12.43 39.49 4.40
C LEU E 107 12.90 38.18 5.01
N ALA E 108 12.91 37.11 4.25
CA ALA E 108 13.20 35.78 4.82
C ALA E 108 14.37 35.11 4.11
N ASN E 109 15.00 34.14 4.78
CA ASN E 109 16.14 33.37 4.22
C ASN E 109 16.28 31.98 4.85
N ASP E 110 15.14 31.35 5.16
CA ASP E 110 15.14 30.04 5.78
C ASP E 110 14.07 29.12 5.18
N ILE E 111 14.33 27.82 5.18
CA ILE E 111 13.36 26.84 4.69
C ILE E 111 12.20 26.63 5.69
N ARG E 112 12.47 26.90 6.97
CA ARG E 112 11.50 26.67 8.02
C ARG E 112 10.89 27.99 8.51
N GLU E 113 11.76 28.93 8.89
CA GLU E 113 11.34 30.21 9.44
C GLU E 113 11.15 31.22 8.31
N ASN E 114 9.93 31.30 7.80
CA ASN E 114 9.61 32.06 6.60
C ASN E 114 8.37 32.96 6.76
N LEU E 115 8.14 33.42 7.99
CA LEU E 115 7.25 34.56 8.35
C LEU E 115 5.73 34.39 8.19
N ILE E 116 5.32 33.71 7.14
CA ILE E 116 3.90 33.71 6.74
C ILE E 116 3.45 32.40 6.08
N HIS E 117 2.25 31.97 6.44
CA HIS E 117 1.49 30.97 5.67
C HIS E 117 0.29 31.61 4.96
N ALA E 118 0.10 31.23 3.69
CA ALA E 118 -1.15 31.49 2.95
C ALA E 118 -1.67 30.20 2.31
N SER E 119 -2.99 29.99 2.37
CA SER E 119 -3.65 28.86 1.69
C SER E 119 -3.24 28.83 0.21
N ASP E 120 -3.19 27.65 -0.38
CA ASP E 120 -2.79 27.57 -1.79
C ASP E 120 -3.84 27.06 -2.76
N SER E 121 -5.07 26.84 -2.29
CA SER E 121 -6.19 26.35 -3.14
C SER E 121 -7.54 26.55 -2.47
N GLU E 122 -8.60 26.46 -3.26
CA GLU E 122 -9.97 26.58 -2.76
C GLU E 122 -10.34 25.56 -1.67
N ASP E 123 -9.88 24.32 -1.85
CA ASP E 123 -10.13 23.30 -0.85
C ASP E 123 -9.33 23.56 0.42
N SER E 124 -8.01 23.81 0.29
CA SER E 124 -7.17 24.07 1.49
C SER E 124 -7.65 25.28 2.28
N ALA E 125 -8.10 26.32 1.58
CA ALA E 125 -8.65 27.53 2.23
C ALA E 125 -9.92 27.29 3.07
N VAL E 126 -10.84 26.45 2.59
CA VAL E 126 -12.06 26.20 3.35
C VAL E 126 -11.75 25.40 4.61
N ASP E 127 -10.93 24.37 4.45
CA ASP E 127 -10.51 23.56 5.57
C ASP E 127 -9.78 24.40 6.64
N GLU E 128 -8.71 25.10 6.22
CA GLU E 128 -7.90 25.95 7.12
C GLU E 128 -8.69 27.02 7.87
N ILE E 129 -9.69 27.61 7.22
CA ILE E 129 -10.63 28.50 7.90
C ILE E 129 -11.44 27.77 8.98
N SER E 130 -11.84 26.52 8.73
CA SER E 130 -12.61 25.75 9.74
C SER E 130 -11.75 25.33 10.92
N ILE E 131 -10.49 25.01 10.69
CA ILE E 131 -9.57 24.71 11.80
C ILE E 131 -9.47 25.90 12.76
N TRP E 132 -9.19 27.09 12.22
CA TRP E 132 -8.86 28.27 13.02
C TRP E 132 -10.05 29.09 13.47
N PHE E 133 -11.12 29.05 12.69
CA PHE E 133 -12.35 29.77 12.99
C PHE E 133 -13.54 28.82 12.80
N PRO E 134 -13.69 27.84 13.72
CA PRO E 134 -14.65 26.74 13.57
C PRO E 134 -16.10 27.24 13.61
N GLU E 135 -16.32 28.35 14.32
CA GLU E 135 -17.63 29.02 14.40
C GLU E 135 -18.40 29.08 13.05
N THR E 136 -19.10 28.00 12.75
CA THR E 136 -19.80 27.82 11.47
C THR E 136 -21.03 26.88 11.62
N GLY F 5 2.74 -28.03 20.63
CA GLY F 5 2.82 -27.85 19.15
C GLY F 5 1.47 -27.52 18.51
N LEU F 6 0.73 -26.63 19.18
CA LEU F 6 -0.60 -26.21 18.75
C LEU F 6 -0.56 -25.24 17.58
N GLN F 7 -1.01 -25.65 16.39
CA GLN F 7 -1.03 -24.75 15.22
C GLN F 7 -2.45 -24.35 14.76
N ARG F 8 -2.50 -23.39 13.85
CA ARG F 8 -3.70 -22.99 13.16
C ARG F 8 -3.43 -23.11 11.67
N THR F 9 -4.40 -23.61 10.91
CA THR F 9 -4.24 -23.76 9.46
C THR F 9 -5.50 -23.23 8.72
N LEU F 10 -5.34 -22.92 7.43
CA LEU F 10 -6.49 -22.43 6.66
C LEU F 10 -7.03 -23.48 5.68
N VAL F 11 -8.34 -23.73 5.80
CA VAL F 11 -9.08 -24.62 4.87
C VAL F 11 -10.11 -23.86 4.03
N LEU F 12 -10.19 -24.20 2.76
CA LEU F 12 -11.31 -23.78 1.91
C LEU F 12 -12.15 -24.99 1.48
N ILE F 13 -13.45 -24.96 1.72
CA ILE F 13 -14.34 -25.95 1.09
C ILE F 13 -14.76 -25.40 -0.28
N LYS F 14 -14.37 -26.11 -1.35
CA LYS F 14 -14.49 -25.64 -2.72
C LYS F 14 -15.89 -25.88 -3.32
N PRO F 15 -16.28 -25.13 -4.39
CA PRO F 15 -17.66 -25.23 -4.92
C PRO F 15 -18.12 -26.65 -5.32
N ASP F 16 -17.21 -27.54 -5.72
CA ASP F 16 -17.65 -28.89 -6.06
C ASP F 16 -18.22 -29.69 -4.84
N ALA F 17 -17.69 -29.41 -3.65
CA ALA F 17 -18.21 -30.03 -2.43
C ALA F 17 -19.69 -29.73 -2.25
N PHE F 18 -20.09 -28.50 -2.52
CA PHE F 18 -21.49 -28.07 -2.41
C PHE F 18 -22.40 -28.71 -3.46
N GLU F 19 -21.93 -28.79 -4.69
CA GLU F 19 -22.73 -29.33 -5.77
C GLU F 19 -22.96 -30.85 -5.55
N ARG F 20 -21.91 -31.53 -5.09
CA ARG F 20 -21.98 -32.96 -4.83
C ARG F 20 -22.51 -33.28 -3.43
N SER F 21 -22.96 -32.26 -2.69
CA SER F 21 -23.40 -32.44 -1.30
C SER F 21 -22.41 -33.17 -0.36
N LEU F 22 -21.13 -32.80 -0.43
CA LEU F 22 -20.07 -33.41 0.38
C LEU F 22 -19.48 -32.51 1.46
N VAL F 23 -20.15 -31.38 1.75
CA VAL F 23 -19.67 -30.43 2.78
C VAL F 23 -19.55 -31.06 4.17
N ALA F 24 -20.58 -31.74 4.65
CA ALA F 24 -20.51 -32.32 5.99
C ALA F 24 -19.52 -33.49 6.11
N GLU F 25 -19.41 -34.28 5.06
CA GLU F 25 -18.54 -35.44 5.01
C GLU F 25 -17.09 -35.00 5.16
N ILE F 26 -16.77 -33.86 4.54
CA ILE F 26 -15.43 -33.35 4.54
C ILE F 26 -15.06 -32.79 5.91
N MET F 27 -15.95 -31.95 6.45
CA MET F 27 -15.76 -31.32 7.74
C MET F 27 -15.75 -32.37 8.87
N GLY F 28 -16.60 -33.39 8.73
CA GLY F 28 -16.67 -34.53 9.67
C GLY F 28 -15.37 -35.28 9.82
N ARG F 29 -14.58 -35.41 8.74
CA ARG F 29 -13.30 -36.09 8.80
C ARG F 29 -12.25 -35.27 9.56
N ILE F 30 -12.26 -33.94 9.36
CA ILE F 30 -11.38 -33.07 10.12
C ILE F 30 -11.82 -33.11 11.63
N GLU F 31 -13.11 -32.90 11.89
CA GLU F 31 -13.72 -33.01 13.23
C GLU F 31 -13.37 -34.28 13.99
N LYS F 32 -13.52 -35.43 13.31
CA LYS F 32 -13.24 -36.73 13.90
C LYS F 32 -11.76 -36.98 14.30
N LYS F 33 -10.86 -36.25 13.65
CA LYS F 33 -9.47 -36.26 14.04
C LYS F 33 -9.16 -35.31 15.17
N ASN F 34 -10.19 -34.70 15.76
CA ASN F 34 -10.04 -33.85 16.95
C ASN F 34 -9.54 -32.41 16.71
N PHE F 35 -9.60 -31.90 15.47
CA PHE F 35 -9.31 -30.47 15.20
C PHE F 35 -10.53 -29.57 15.42
N LYS F 36 -10.31 -28.37 15.96
CA LYS F 36 -11.44 -27.50 16.30
C LYS F 36 -11.52 -26.33 15.34
N ILE F 37 -12.75 -25.85 15.15
CA ILE F 37 -12.99 -24.64 14.39
C ILE F 37 -12.76 -23.46 15.30
N VAL F 38 -11.89 -22.55 14.89
CA VAL F 38 -11.73 -21.30 15.64
C VAL F 38 -12.27 -20.09 14.91
N SER F 39 -12.26 -20.12 13.58
CA SER F 39 -12.93 -19.13 12.75
C SER F 39 -13.60 -19.79 11.54
N MET F 40 -14.73 -19.24 11.09
CA MET F 40 -15.44 -19.74 9.90
C MET F 40 -16.34 -18.71 9.20
N LYS F 41 -16.15 -18.57 7.89
CA LYS F 41 -17.07 -17.80 7.03
C LYS F 41 -17.63 -18.60 5.87
N PHE F 42 -18.92 -18.41 5.61
CA PHE F 42 -19.61 -18.92 4.40
C PHE F 42 -19.73 -17.79 3.36
N TRP F 43 -19.35 -18.10 2.11
CA TRP F 43 -19.49 -17.18 0.99
C TRP F 43 -20.31 -17.81 -0.15
N SER F 44 -21.50 -17.27 -0.46
CA SER F 44 -22.29 -17.82 -1.58
C SER F 44 -21.60 -17.62 -2.93
N LYS F 45 -20.92 -16.48 -3.07
CA LYS F 45 -19.93 -16.26 -4.15
C LYS F 45 -18.73 -15.46 -3.59
N ALA F 46 -17.52 -16.04 -3.60
CA ALA F 46 -16.35 -15.30 -3.08
C ALA F 46 -15.95 -14.13 -4.00
N PRO F 47 -15.64 -12.93 -3.42
CA PRO F 47 -15.08 -11.86 -4.24
C PRO F 47 -13.84 -12.37 -4.97
N ARG F 48 -13.78 -12.11 -6.27
CA ARG F 48 -12.68 -12.60 -7.09
C ARG F 48 -11.29 -12.19 -6.62
N ASN F 49 -11.16 -10.94 -6.18
CA ASN F 49 -9.93 -10.41 -5.57
C ASN F 49 -9.33 -11.37 -4.53
N LEU F 50 -10.16 -11.84 -3.59
CA LEU F 50 -9.74 -12.81 -2.57
C LEU F 50 -9.20 -14.16 -3.09
N ILE F 51 -9.86 -14.74 -4.09
CA ILE F 51 -9.32 -15.91 -4.82
C ILE F 51 -7.98 -15.63 -5.47
N GLU F 52 -7.84 -14.43 -6.02
CA GLU F 52 -6.63 -14.03 -6.72
C GLU F 52 -5.45 -13.90 -5.79
N GLN F 53 -5.68 -13.25 -4.65
CA GLN F 53 -4.69 -13.18 -3.57
C GLN F 53 -4.39 -14.59 -3.12
N HIS F 54 -5.43 -15.34 -2.72
CA HIS F 54 -5.26 -16.73 -2.28
C HIS F 54 -4.30 -17.52 -3.18
N TYR F 55 -4.49 -17.43 -4.49
CA TYR F 55 -3.66 -18.17 -5.43
C TYR F 55 -2.55 -17.34 -6.15
N LYS F 56 -2.11 -16.24 -5.51
CA LYS F 56 -1.09 -15.35 -6.10
C LYS F 56 0.12 -16.08 -6.71
N GLU F 57 0.68 -17.05 -5.98
CA GLU F 57 1.89 -17.76 -6.40
C GLU F 57 1.69 -18.48 -7.74
N HIS F 58 0.45 -18.54 -8.23
CA HIS F 58 0.08 -19.29 -9.44
C HIS F 58 -0.31 -18.36 -10.58
N SER F 59 -0.10 -17.05 -10.40
CA SER F 59 -0.58 -16.02 -11.35
C SER F 59 0.09 -16.13 -12.72
N GLU F 60 1.26 -16.76 -12.74
CA GLU F 60 2.00 -16.99 -13.97
C GLU F 60 1.66 -18.30 -14.68
N GLN F 61 1.08 -19.26 -13.94
CA GLN F 61 0.70 -20.59 -14.47
C GLN F 61 -0.43 -20.54 -15.48
N SER F 62 -0.48 -21.54 -16.37
CA SER F 62 -1.52 -21.60 -17.42
C SER F 62 -2.96 -21.80 -16.93
N TYR F 63 -3.13 -22.44 -15.76
CA TYR F 63 -4.45 -22.78 -15.20
C TYR F 63 -5.11 -21.68 -14.33
N PHE F 64 -4.32 -20.66 -13.97
CA PHE F 64 -4.71 -19.59 -13.04
C PHE F 64 -6.10 -19.01 -13.29
N ASN F 65 -6.38 -18.66 -14.54
CA ASN F 65 -7.68 -18.07 -14.91
C ASN F 65 -8.83 -19.07 -14.77
N ASP F 66 -8.64 -20.25 -15.34
CA ASP F 66 -9.63 -21.33 -15.28
C ASP F 66 -10.00 -21.75 -13.84
N ASN F 67 -8.97 -21.84 -12.98
CA ASN F 67 -9.18 -22.18 -11.59
C ASN F 67 -9.95 -21.06 -10.85
N CYS F 68 -9.55 -19.81 -11.07
CA CYS F 68 -10.27 -18.68 -10.50
C CYS F 68 -11.75 -18.71 -10.92
N ASP F 69 -12.03 -18.99 -12.19
CA ASP F 69 -13.42 -19.09 -12.61
C ASP F 69 -14.16 -20.13 -11.78
N PHE F 70 -13.56 -21.32 -11.63
CA PHE F 70 -14.17 -22.43 -10.87
C PHE F 70 -14.47 -22.03 -9.41
N MET F 71 -13.55 -21.29 -8.78
CA MET F 71 -13.65 -20.96 -7.36
C MET F 71 -14.78 -19.98 -7.03
N VAL F 72 -15.31 -19.31 -8.06
CA VAL F 72 -16.42 -18.37 -7.92
C VAL F 72 -17.69 -18.91 -8.62
N SER F 73 -17.61 -20.15 -9.09
CA SER F 73 -18.77 -20.81 -9.75
C SER F 73 -19.85 -21.33 -8.79
N GLY F 74 -19.63 -21.19 -7.47
CA GLY F 74 -20.56 -21.65 -6.43
C GLY F 74 -20.08 -21.16 -5.06
N PRO F 75 -20.77 -21.58 -3.97
CA PRO F 75 -20.33 -21.17 -2.63
C PRO F 75 -18.98 -21.71 -2.16
N ILE F 76 -18.41 -21.06 -1.16
CA ILE F 76 -17.27 -21.64 -0.45
C ILE F 76 -17.34 -21.42 1.07
N ILE F 77 -16.62 -22.25 1.83
CA ILE F 77 -16.44 -22.02 3.25
C ILE F 77 -14.94 -21.89 3.49
N SER F 78 -14.54 -20.81 4.18
CA SER F 78 -13.17 -20.63 4.68
C SER F 78 -13.15 -20.89 6.18
N ILE F 79 -12.25 -21.75 6.64
CA ILE F 79 -12.23 -22.16 8.04
C ILE F 79 -10.81 -22.08 8.55
N VAL F 80 -10.66 -21.56 9.76
CA VAL F 80 -9.41 -21.70 10.51
C VAL F 80 -9.56 -22.85 11.52
N TYR F 81 -8.75 -23.88 11.33
CA TYR F 81 -8.68 -25.03 12.26
C TYR F 81 -7.47 -24.96 13.22
N GLU F 82 -7.71 -25.39 14.47
CA GLU F 82 -6.69 -25.43 15.52
C GLU F 82 -6.49 -26.86 16.09
N GLY F 83 -5.23 -27.23 16.29
CA GLY F 83 -4.85 -28.44 17.01
C GLY F 83 -3.37 -28.71 16.86
N THR F 84 -2.90 -29.74 17.56
CA THR F 84 -1.53 -30.25 17.45
C THR F 84 -1.18 -30.54 16.01
N ASP F 85 -0.12 -29.88 15.54
CA ASP F 85 0.48 -30.16 14.22
C ASP F 85 -0.59 -29.98 13.08
N ALA F 86 -1.52 -29.03 13.30
CA ALA F 86 -2.68 -28.86 12.42
C ALA F 86 -2.31 -28.81 10.93
N ILE F 87 -1.32 -27.99 10.60
CA ILE F 87 -0.96 -27.71 9.22
C ILE F 87 -0.68 -28.99 8.42
N SER F 88 0.31 -29.74 8.90
CA SER F 88 0.75 -30.96 8.27
C SER F 88 -0.26 -32.12 8.36
N LYS F 89 -0.96 -32.22 9.50
CA LYS F 89 -1.98 -33.26 9.69
C LYS F 89 -3.20 -33.07 8.77
N ILE F 90 -3.66 -31.83 8.64
CA ILE F 90 -4.83 -31.56 7.81
C ILE F 90 -4.44 -31.67 6.32
N ARG F 91 -3.24 -31.20 5.99
CA ARG F 91 -2.65 -31.44 4.69
C ARG F 91 -2.64 -32.92 4.31
N ARG F 92 -2.32 -33.79 5.26
CA ARG F 92 -2.30 -35.23 5.03
C ARG F 92 -3.68 -35.80 4.86
N LEU F 93 -4.61 -35.30 5.67
CA LEU F 93 -6.03 -35.63 5.54
C LEU F 93 -6.57 -35.22 4.16
N GLN F 94 -6.27 -34.00 3.73
CA GLN F 94 -6.57 -33.56 2.36
C GLN F 94 -6.08 -34.57 1.32
N GLY F 95 -4.82 -35.01 1.44
CA GLY F 95 -4.24 -36.02 0.54
C GLY F 95 -4.23 -35.69 -0.93
N ASN F 96 -4.38 -36.71 -1.78
CA ASN F 96 -4.50 -36.51 -3.22
C ASN F 96 -5.37 -37.57 -3.88
N ILE F 97 -5.72 -37.36 -5.15
CA ILE F 97 -6.65 -38.25 -5.85
C ILE F 97 -6.07 -39.66 -6.09
N LEU F 98 -4.76 -39.80 -5.86
CA LEU F 98 -4.09 -41.09 -5.93
C LEU F 98 -4.21 -41.95 -4.65
N THR F 99 -4.27 -41.29 -3.49
CA THR F 99 -4.09 -41.91 -2.16
C THR F 99 -5.43 -42.13 -1.43
N PRO F 100 -5.96 -43.37 -1.46
CA PRO F 100 -7.17 -43.77 -0.70
C PRO F 100 -7.00 -43.65 0.82
N GLY F 101 -8.11 -43.40 1.53
CA GLY F 101 -8.04 -43.11 2.95
C GLY F 101 -8.09 -41.62 3.25
N THR F 102 -7.68 -40.78 2.30
CA THR F 102 -7.78 -39.32 2.42
C THR F 102 -9.09 -38.76 1.84
N ILE F 103 -9.30 -37.46 2.00
CA ILE F 103 -10.49 -36.80 1.46
C ILE F 103 -10.46 -36.86 -0.08
N ARG F 104 -9.38 -36.38 -0.69
CA ARG F 104 -9.28 -36.38 -2.16
C ARG F 104 -9.20 -37.79 -2.71
N GLY F 105 -8.59 -38.67 -1.93
CA GLY F 105 -8.40 -40.06 -2.32
C GLY F 105 -9.70 -40.82 -2.40
N ASP F 106 -10.62 -40.60 -1.45
CA ASP F 106 -11.86 -41.35 -1.45
C ASP F 106 -12.97 -40.68 -2.32
N LEU F 107 -12.87 -39.36 -2.51
CA LEU F 107 -14.03 -38.60 -2.92
C LEU F 107 -13.87 -37.79 -4.23
N ALA F 108 -12.64 -37.46 -4.61
CA ALA F 108 -12.38 -36.63 -5.81
C ALA F 108 -11.65 -37.35 -6.97
N ASN F 109 -11.82 -36.86 -8.20
CA ASN F 109 -11.13 -37.47 -9.36
C ASN F 109 -10.73 -36.53 -10.50
N ASP F 110 -10.20 -35.35 -10.15
CA ASP F 110 -9.94 -34.32 -11.14
C ASP F 110 -8.77 -33.45 -10.70
N ILE F 111 -8.10 -32.85 -11.67
CA ILE F 111 -6.95 -31.98 -11.39
C ILE F 111 -7.38 -30.60 -10.86
N ARG F 112 -8.60 -30.19 -11.21
CA ARG F 112 -9.13 -28.89 -10.78
C ARG F 112 -10.21 -29.04 -9.69
N GLU F 113 -11.21 -29.87 -9.94
CA GLU F 113 -12.30 -30.05 -9.00
C GLU F 113 -11.93 -31.09 -7.94
N ASN F 114 -11.25 -30.63 -6.90
CA ASN F 114 -10.71 -31.50 -5.86
C ASN F 114 -11.11 -31.15 -4.40
N LEU F 115 -12.29 -30.51 -4.25
CA LEU F 115 -13.07 -30.40 -2.99
C LEU F 115 -12.56 -29.52 -1.86
N ILE F 116 -11.25 -29.47 -1.67
CA ILE F 116 -10.70 -28.85 -0.46
C ILE F 116 -9.31 -28.24 -0.69
N HIS F 117 -9.05 -27.08 -0.09
CA HIS F 117 -7.69 -26.54 0.05
C HIS F 117 -7.21 -26.53 1.51
N ALA F 118 -5.95 -26.88 1.74
CA ALA F 118 -5.32 -26.74 3.06
C ALA F 118 -3.95 -26.07 2.92
N SER F 119 -3.61 -25.10 3.78
CA SER F 119 -2.25 -24.52 3.78
C SER F 119 -1.16 -25.60 3.88
N ASP F 120 0.00 -25.36 3.26
CA ASP F 120 1.04 -26.40 3.22
C ASP F 120 2.34 -26.08 3.94
N SER F 121 2.43 -24.88 4.53
CA SER F 121 3.61 -24.42 5.23
C SER F 121 3.19 -23.44 6.31
N GLU F 122 4.12 -23.14 7.22
CA GLU F 122 3.91 -22.13 8.28
C GLU F 122 3.67 -20.73 7.73
N ASP F 123 4.36 -20.41 6.63
CA ASP F 123 4.27 -19.07 6.04
C ASP F 123 2.96 -18.84 5.30
N SER F 124 2.56 -19.82 4.49
CA SER F 124 1.34 -19.70 3.72
C SER F 124 0.12 -19.74 4.65
N ALA F 125 0.21 -20.54 5.72
CA ALA F 125 -0.85 -20.58 6.73
C ALA F 125 -1.14 -19.21 7.31
N VAL F 126 -0.10 -18.50 7.75
CA VAL F 126 -0.23 -17.16 8.36
C VAL F 126 -0.79 -16.13 7.36
N ASP F 127 -0.28 -16.20 6.14
CA ASP F 127 -0.63 -15.31 5.07
C ASP F 127 -2.08 -15.56 4.62
N GLU F 128 -2.43 -16.84 4.37
CA GLU F 128 -3.82 -17.25 3.98
C GLU F 128 -4.88 -16.88 5.01
N ILE F 129 -4.59 -17.09 6.29
CA ILE F 129 -5.47 -16.62 7.39
C ILE F 129 -5.79 -15.10 7.28
N SER F 130 -4.79 -14.30 6.90
CA SER F 130 -4.98 -12.85 6.81
C SER F 130 -5.79 -12.39 5.59
N ILE F 131 -5.64 -13.10 4.46
CA ILE F 131 -6.53 -12.92 3.30
C ILE F 131 -8.03 -13.13 3.68
N TRP F 132 -8.35 -14.23 4.36
CA TRP F 132 -9.74 -14.61 4.58
C TRP F 132 -10.29 -14.09 5.91
N PHE F 133 -9.39 -13.92 6.89
CA PHE F 133 -9.78 -13.42 8.21
C PHE F 133 -8.83 -12.29 8.65
N PRO F 134 -9.04 -11.06 8.13
CA PRO F 134 -8.24 -9.96 8.66
C PRO F 134 -8.92 -9.33 9.89
O3B CDP G . 27.81 41.69 -13.06
PB CDP G . 27.37 43.11 -13.27
O1B CDP G . 25.90 43.18 -13.57
O2B CDP G . 27.97 44.04 -12.25
O3A CDP G . 27.95 43.72 -14.67
PA CDP G . 29.03 43.08 -15.73
O1A CDP G . 29.59 41.78 -15.14
O2A CDP G . 28.31 43.04 -17.06
O5' CDP G . 30.15 44.19 -15.70
C5' CDP G . 30.77 44.47 -14.44
C4' CDP G . 30.68 45.96 -14.16
O4' CDP G . 31.33 46.64 -15.24
C3' CDP G . 29.26 46.54 -14.20
O3' CDP G . 28.62 46.56 -12.93
C2' CDP G . 29.44 47.95 -14.68
O2' CDP G . 29.57 48.84 -13.57
C1' CDP G . 30.72 47.90 -15.53
N1 CDP G . 30.36 48.05 -16.95
C2 CDP G . 30.54 49.34 -17.56
O2 CDP G . 31.04 50.31 -16.93
N3 CDP G . 30.21 49.56 -18.84
C4 CDP G . 29.70 48.53 -19.57
N4 CDP G . 29.40 48.80 -20.86
C5 CDP G . 29.49 47.26 -19.00
C6 CDP G . 29.84 47.02 -17.66
MG MG H . 29.39 40.35 -13.64
O3B CDP I . -5.64 -59.56 -9.40
PB CDP I . -6.27 -59.95 -8.07
O1B CDP I . -5.74 -59.10 -6.95
O2B CDP I . -7.76 -60.18 -8.21
O3A CDP I . -5.70 -61.43 -7.64
PA CDP I . -4.75 -62.44 -8.50
O1A CDP I . -4.78 -62.00 -9.94
O2A CDP I . -3.44 -62.63 -7.81
O5' CDP I . -5.59 -63.80 -8.40
C5' CDP I . -6.90 -63.78 -8.96
C4' CDP I . -7.94 -64.33 -7.96
O4' CDP I . -7.72 -65.73 -7.79
C3' CDP I . -7.87 -63.75 -6.54
O3' CDP I . -8.57 -62.50 -6.36
C2' CDP I . -8.50 -64.86 -5.74
O2' CDP I . -9.93 -64.76 -5.86
C1' CDP I . -8.03 -66.12 -6.45
N1 CDP I . -6.86 -66.76 -5.79
C2 CDP I . -7.07 -67.93 -5.03
O2 CDP I . -8.21 -68.42 -4.94
N3 CDP I . -6.04 -68.54 -4.39
C4 CDP I . -4.80 -68.03 -4.51
N4 CDP I . -3.77 -68.66 -3.88
C5 CDP I . -4.56 -66.87 -5.26
C6 CDP I . -5.62 -66.24 -5.91
MG MG J . -4.50 -59.91 -10.89
O3B CDP K . -1.76 48.62 -21.51
PB CDP K . -2.43 48.50 -20.17
O1B CDP K . -1.78 47.44 -19.33
O2B CDP K . -2.70 49.83 -19.50
O3A CDP K . -3.90 47.88 -20.44
PA CDP K . -4.73 47.71 -21.85
O1A CDP K . -3.96 48.39 -22.95
O2A CDP K . -5.11 46.24 -21.90
O5' CDP K . -6.07 48.58 -21.62
C5' CDP K . -5.93 49.99 -21.42
C4' CDP K . -6.65 50.38 -20.13
O4' CDP K . -8.06 50.24 -20.33
C3' CDP K . -6.33 49.52 -18.91
O3' CDP K . -5.12 49.92 -18.24
C2' CDP K . -7.60 49.67 -18.08
O2' CDP K . -7.60 50.86 -17.27
C1' CDP K . -8.72 49.81 -19.13
N1 CDP K . -9.43 48.54 -19.29
C2 CDP K . -10.73 48.41 -18.75
O2 CDP K . -11.28 49.37 -18.17
N3 CDP K . -11.42 47.27 -18.85
C4 CDP K . -10.86 46.21 -19.47
N4 CDP K . -11.58 45.06 -19.56
C5 CDP K . -9.57 46.28 -20.03
C6 CDP K . -8.86 47.48 -19.93
MG MG L . -1.97 49.09 -23.63
O3B CDP M . 3.42 -49.24 19.83
PB CDP M . 2.74 -47.90 19.83
O1B CDP M . 2.62 -47.25 18.49
O2B CDP M . 1.46 -47.96 20.64
O3A CDP M . 3.67 -46.83 20.64
PA CDP M . 5.00 -47.05 21.57
O1A CDP M . 5.38 -48.51 21.52
O2A CDP M . 6.00 -45.94 21.26
O5' CDP M . 4.53 -46.68 23.06
C5' CDP M . 3.53 -47.38 23.79
C4' CDP M . 2.52 -46.35 24.31
O4' CDP M . 3.17 -45.46 25.23
C3' CDP M . 1.94 -45.40 23.25
O3' CDP M . 0.88 -45.92 22.47
C2' CDP M . 1.55 -44.20 24.05
O2' CDP M . 0.19 -44.30 24.53
C1' CDP M . 2.57 -44.18 25.18
N1 CDP M . 3.56 -43.14 24.88
C2 CDP M . 3.45 -41.90 25.56
O2 CDP M . 2.54 -41.71 26.42
N3 CDP M . 4.31 -40.91 25.30
C4 CDP M . 5.29 -41.06 24.39
N4 CDP M . 6.12 -40.00 24.17
C5 CDP M . 5.41 -42.27 23.68
C6 CDP M . 4.53 -43.32 23.95
MG MG N . 5.58 -50.36 20.44
O3B CDP O . 3.79 26.10 0.90
PB CDP O . 4.98 26.60 1.68
O1B CDP O . 5.92 27.38 0.79
O2B CDP O . 4.54 27.14 3.04
O3A CDP O . 6.01 25.40 2.07
PA CDP O . 5.74 23.77 2.10
O1A CDP O . 4.28 23.50 1.79
O2A CDP O . 6.89 23.21 1.31
O5' CDP O . 5.95 23.38 3.65
C5' CDP O . 5.06 23.91 4.61
C4' CDP O . 5.92 24.51 5.71
O4' CDP O . 6.68 23.48 6.35
C3' CDP O . 6.95 25.56 5.22
O3' CDP O . 6.41 26.88 5.09
C2' CDP O . 8.00 25.48 6.32
O2' CDP O . 7.70 26.43 7.35
C1' CDP O . 7.90 24.03 6.85
N1 CDP O . 9.06 23.29 6.34
C2 CDP O . 10.14 22.94 7.21
O2 CDP O . 10.11 23.20 8.44
N3 CDP O . 11.19 22.26 6.70
C4 CDP O . 11.24 21.94 5.38
N4 CDP O . 12.33 21.29 4.91
C5 CDP O . 10.22 22.28 4.51
C6 CDP O . 9.14 22.96 5.03
MG MG P . 2.46 24.46 1.20
O3B CDP Q . -1.42 -28.14 -3.52
PB CDP Q . -2.65 -28.67 -4.19
O1B CDP Q . -2.76 -30.17 -4.31
O2B CDP Q . -3.94 -27.98 -3.78
O3A CDP Q . -2.45 -28.27 -5.77
PA CDP Q . -1.41 -27.21 -6.43
O1A CDP Q . -0.84 -26.32 -5.34
O2A CDP Q . -0.60 -28.04 -7.41
O5' CDP Q . -2.41 -26.29 -7.31
C5' CDP Q . -3.35 -25.49 -6.57
C4' CDP Q . -4.78 -25.67 -7.07
O4' CDP Q . -4.89 -25.14 -8.39
C3' CDP Q . -5.23 -27.11 -7.19
O3' CDP Q . -5.79 -27.60 -5.97
C2' CDP Q . -6.26 -27.05 -8.29
O2' CDP Q . -7.56 -26.80 -7.74
C1' CDP Q . -5.81 -25.90 -9.19
N1 CDP Q . -5.18 -26.45 -10.41
C2 CDP Q . -5.87 -26.50 -11.66
O2 CDP Q . -7.02 -26.06 -11.80
N3 CDP Q . -5.27 -27.06 -12.74
C4 CDP Q . -4.01 -27.55 -12.66
N4 CDP Q . -3.39 -28.09 -13.74
C5 CDP Q . -3.32 -27.51 -11.44
C6 CDP Q . -3.93 -26.95 -10.33
MG MG R . -0.08 -26.26 -3.38
#